data_9EF7
#
_entry.id   9EF7
#
_cell.length_a   53.812
_cell.length_b   88.162
_cell.length_c   97.985
_cell.angle_alpha   90.000
_cell.angle_beta   97.620
_cell.angle_gamma   90.000
#
_symmetry.space_group_name_H-M   'P 1 21 1'
#
loop_
_entity.id
_entity.type
_entity.pdbx_description
1 polymer 'Glycylpeptide N-tetradecanoyltransferase'
2 non-polymer TETRADECANOYL-COA
3 non-polymer (2M)-2-[5-chloro-2-(piperazin-1-yl)phenyl]-N-(5-methyl-1,3-thiazol-2-yl)-1H-1,3-benzimidazole-4-carboxamide
4 non-polymer 'CHLORIDE ION'
5 non-polymer 'PENTAETHYLENE GLYCOL'
6 non-polymer 'TETRAETHYLENE GLYCOL'
7 water water
#
_entity_poly.entity_id   1
_entity_poly.type   'polypeptide(L)'
_entity_poly.pdbx_seq_one_letter_code
;GPGSKPHKFWNTQPVVQNDDSSSEYSFGPIEIEPDSFRKEIYKLPDGFSWFDCNLWDIESQDFEDTYQLLKDHYVEDDDS
QFRFNYSKEFLRWALCVPGQKKNWLVGVRVNETKKMVGFISAIPIKVRIHNCIMNTSVVNFLCVHKKLRSKRLAPVLIKE
ITRRIRCEKIFQSIYTCGKNITKPFTIGTYWHRIINVKKLLEAGFIGIPRNMTMSSLIKYHRIPADKRIEGFRPSVDSDA
EQICKLFENYFMKYKDVSNETMNNLINYDEINHSKELGKQAYMKLDKIEDLQDKITIHQCFNVEDVKHYFTNIDKVIVTY
VRENKNKEITDLFSFFIIESTVINNERFPTINIAYSYFNIANTCSLKELFNEMLITAKNNNCDAFNTLDLMQNLQVIQDS
KFIIGTGRLRYYVFNWKIPQISPSNVGIILF
;
_entity_poly.pdbx_strand_id   A,B
#
# COMPACT_ATOMS: atom_id res chain seq x y z
N PRO A 6 -14.67 29.21 -14.15
CA PRO A 6 -13.48 29.40 -13.32
C PRO A 6 -13.43 28.47 -12.11
N HIS A 7 -12.39 27.64 -12.04
CA HIS A 7 -12.21 26.75 -10.91
C HIS A 7 -11.74 27.51 -9.69
N LYS A 8 -12.15 27.01 -8.51
CA LYS A 8 -11.56 27.45 -7.26
C LYS A 8 -10.78 26.35 -6.57
N PHE A 9 -11.02 25.10 -6.93
CA PHE A 9 -10.26 23.97 -6.42
C PHE A 9 -9.28 23.42 -7.43
N TRP A 10 -9.76 23.07 -8.63
CA TRP A 10 -8.91 22.37 -9.59
C TRP A 10 -7.77 23.23 -10.11
N ASN A 11 -7.90 24.54 -10.09
CA ASN A 11 -6.81 25.41 -10.50
C ASN A 11 -5.62 25.35 -9.55
N THR A 12 -5.77 24.78 -8.36
CA THR A 12 -4.67 24.66 -7.43
C THR A 12 -4.02 23.28 -7.47
N GLN A 13 -4.51 22.38 -8.29
CA GLN A 13 -4.08 20.99 -8.23
C GLN A 13 -3.07 20.67 -9.32
N PRO A 14 -2.18 19.70 -9.05
CA PRO A 14 -1.21 19.30 -10.08
C PRO A 14 -1.83 18.46 -11.18
N VAL A 15 -2.64 19.09 -12.03
CA VAL A 15 -3.17 18.44 -13.23
C VAL A 15 -3.03 19.45 -14.36
N VAL A 16 -3.01 18.93 -15.59
CA VAL A 16 -2.91 19.83 -16.73
C VAL A 16 -4.19 20.66 -16.82
N GLN A 17 -4.04 21.98 -16.85
CA GLN A 17 -5.17 22.88 -16.90
C GLN A 17 -5.66 23.05 -18.34
N ASN A 18 -6.95 23.36 -18.49
CA ASN A 18 -7.53 23.50 -19.82
C ASN A 18 -6.78 24.52 -20.67
N ASP A 19 -6.23 25.56 -20.06
CA ASP A 19 -5.48 26.59 -20.78
C ASP A 19 -3.98 26.31 -20.81
N ASP A 20 -3.58 25.07 -20.59
CA ASP A 20 -2.16 24.73 -20.57
C ASP A 20 -1.54 25.08 -21.91
N SER A 21 -0.41 25.79 -21.86
CA SER A 21 0.28 26.28 -23.05
C SER A 21 1.65 25.62 -23.12
N SER A 22 1.68 24.37 -23.56
CA SER A 22 2.91 23.65 -23.83
C SER A 22 2.95 23.29 -25.31
N SER A 23 4.07 23.59 -25.97
CA SER A 23 4.22 23.31 -27.38
C SER A 23 4.89 21.96 -27.65
N GLU A 24 5.15 21.18 -26.61
CA GLU A 24 5.81 19.89 -26.71
C GLU A 24 4.92 18.80 -26.13
N TYR A 25 5.03 17.59 -26.68
CA TYR A 25 4.37 16.42 -26.12
C TYR A 25 5.36 15.73 -25.16
N SER A 26 4.97 15.57 -23.91
CA SER A 26 5.86 14.94 -22.95
C SER A 26 5.05 14.15 -21.93
N PHE A 27 5.77 13.31 -21.22
CA PHE A 27 5.23 12.50 -20.15
C PHE A 27 6.02 12.76 -18.88
N GLY A 28 5.42 12.43 -17.75
CA GLY A 28 6.13 12.50 -16.49
C GLY A 28 5.30 13.16 -15.42
N PRO A 29 5.81 13.15 -14.19
CA PRO A 29 5.07 13.73 -13.08
C PRO A 29 4.99 15.24 -13.24
N ILE A 30 3.87 15.81 -12.82
CA ILE A 30 3.75 17.27 -12.83
C ILE A 30 4.55 17.88 -11.68
N GLU A 31 4.50 17.25 -10.51
CA GLU A 31 5.31 17.67 -9.39
C GLU A 31 5.85 16.43 -8.69
N ILE A 32 7.00 16.60 -8.05
CA ILE A 32 7.59 15.58 -7.19
C ILE A 32 7.66 16.22 -5.80
N GLU A 33 6.69 15.89 -4.95
CA GLU A 33 6.55 16.53 -3.63
C GLU A 33 6.28 15.44 -2.62
N PRO A 34 7.30 14.64 -2.31
CA PRO A 34 7.06 13.41 -1.54
C PRO A 34 6.75 13.63 -0.06
N ASP A 35 7.08 14.79 0.51
N ASP A 35 7.05 14.81 0.50
CA ASP A 35 6.81 15.03 1.93
CA ASP A 35 6.80 15.03 1.92
C ASP A 35 6.17 16.37 2.24
C ASP A 35 6.21 16.38 2.24
N SER A 36 5.82 17.17 1.24
CA SER A 36 5.29 18.51 1.49
C SER A 36 3.77 18.56 1.53
N PHE A 37 3.09 17.44 1.29
CA PHE A 37 1.63 17.45 1.25
C PHE A 37 1.03 17.55 2.67
N ARG A 38 -0.20 18.03 2.72
CA ARG A 38 -0.91 18.13 3.98
C ARG A 38 -1.17 16.74 4.53
N LYS A 39 -0.78 16.52 5.78
CA LYS A 39 -0.97 15.23 6.41
C LYS A 39 -2.09 15.20 7.43
N GLU A 40 -2.58 16.36 7.87
CA GLU A 40 -3.65 16.42 8.85
C GLU A 40 -5.00 16.13 8.19
N ILE A 41 -5.84 15.37 8.88
CA ILE A 41 -7.16 15.05 8.34
C ILE A 41 -7.92 16.35 8.05
N TYR A 42 -8.67 16.36 6.96
CA TYR A 42 -9.48 17.53 6.60
C TYR A 42 -10.74 17.60 7.45
N LYS A 43 -11.12 18.82 7.82
CA LYS A 43 -12.31 19.04 8.64
C LYS A 43 -13.56 18.92 7.79
N LEU A 44 -14.53 18.20 8.29
CA LEU A 44 -15.87 18.20 7.73
C LEU A 44 -16.73 19.20 8.45
N PRO A 45 -17.86 19.59 7.89
CA PRO A 45 -18.80 20.42 8.63
C PRO A 45 -19.12 19.78 9.98
N ASP A 46 -19.31 20.62 10.99
CA ASP A 46 -19.62 20.13 12.33
C ASP A 46 -20.83 19.21 12.29
N GLY A 47 -20.75 18.11 13.05
CA GLY A 47 -21.80 17.12 13.08
C GLY A 47 -21.59 15.96 12.13
N PHE A 48 -20.59 16.02 11.26
CA PHE A 48 -20.26 14.96 10.33
C PHE A 48 -18.90 14.37 10.69
N SER A 49 -18.69 13.13 10.28
N SER A 49 -18.69 13.13 10.28
CA SER A 49 -17.43 12.46 10.61
CA SER A 49 -17.47 12.41 10.62
C SER A 49 -17.08 11.47 9.50
C SER A 49 -17.09 11.49 9.47
N TRP A 50 -15.79 11.32 9.28
CA TRP A 50 -15.27 10.31 8.37
C TRP A 50 -15.40 8.93 9.01
N PHE A 51 -15.53 7.91 8.17
CA PHE A 51 -15.35 6.55 8.67
C PHE A 51 -14.78 5.70 7.53
N ASP A 52 -14.04 4.68 7.93
CA ASP A 52 -13.59 3.67 6.98
C ASP A 52 -14.77 2.74 6.72
N CYS A 53 -15.22 2.69 5.48
N CYS A 53 -15.26 2.73 5.48
CA CYS A 53 -16.42 1.94 5.15
CA CYS A 53 -16.44 1.93 5.13
C CYS A 53 -16.12 0.45 5.11
C CYS A 53 -16.09 0.46 5.15
N ASN A 54 -16.82 -0.32 5.95
CA ASN A 54 -16.60 -1.76 6.03
C ASN A 54 -17.37 -2.45 4.90
N LEU A 55 -16.77 -2.44 3.72
CA LEU A 55 -17.25 -3.24 2.60
C LEU A 55 -16.63 -4.63 2.58
N TRP A 56 -15.94 -5.02 3.66
CA TRP A 56 -15.29 -6.33 3.79
C TRP A 56 -16.26 -7.42 4.24
N ASP A 57 -17.45 -7.03 4.71
N ASP A 57 -17.47 -7.03 4.66
CA ASP A 57 -18.53 -7.96 5.01
CA ASP A 57 -18.53 -7.95 5.03
C ASP A 57 -19.75 -7.45 4.26
C ASP A 57 -19.79 -7.48 4.30
N ILE A 58 -20.19 -8.22 3.26
CA ILE A 58 -21.29 -7.79 2.41
C ILE A 58 -22.59 -7.66 3.19
N GLU A 59 -22.66 -8.23 4.38
CA GLU A 59 -23.83 -8.07 5.22
C GLU A 59 -23.73 -6.88 6.18
N SER A 60 -22.68 -6.09 6.10
CA SER A 60 -22.46 -5.07 7.13
C SER A 60 -23.42 -3.89 6.97
N GLN A 61 -23.59 -3.15 8.07
CA GLN A 61 -24.40 -1.94 7.99
C GLN A 61 -23.77 -0.92 7.07
N ASP A 62 -22.44 -0.75 7.12
CA ASP A 62 -21.78 0.16 6.20
C ASP A 62 -22.15 -0.18 4.76
N PHE A 63 -22.09 -1.46 4.39
CA PHE A 63 -22.37 -1.83 3.02
C PHE A 63 -23.80 -1.50 2.64
N GLU A 64 -24.75 -1.74 3.56
CA GLU A 64 -26.12 -1.35 3.31
C GLU A 64 -26.25 0.15 3.13
N ASP A 65 -25.65 0.93 4.05
CA ASP A 65 -25.69 2.39 3.92
C ASP A 65 -25.06 2.86 2.59
N THR A 66 -23.88 2.32 2.25
CA THR A 66 -23.24 2.74 1.01
C THR A 66 -24.10 2.38 -0.21
N TYR A 67 -24.60 1.14 -0.25
CA TYR A 67 -25.51 0.75 -1.32
C TYR A 67 -26.68 1.71 -1.45
N GLN A 68 -27.27 2.10 -0.31
CA GLN A 68 -28.45 2.97 -0.34
C GLN A 68 -28.08 4.38 -0.77
N LEU A 69 -26.93 4.88 -0.31
CA LEU A 69 -26.49 6.20 -0.72
C LEU A 69 -26.31 6.25 -2.24
N LEU A 70 -25.60 5.27 -2.80
CA LEU A 70 -25.35 5.31 -4.24
C LEU A 70 -26.63 5.09 -5.03
N LYS A 71 -27.50 4.19 -4.54
N LYS A 71 -27.50 4.19 -4.54
N LYS A 71 -27.50 4.19 -4.54
CA LYS A 71 -28.73 3.90 -5.25
CA LYS A 71 -28.74 3.89 -5.24
CA LYS A 71 -28.74 3.89 -5.24
C LYS A 71 -29.58 5.15 -5.43
C LYS A 71 -29.59 5.14 -5.42
C LYS A 71 -29.58 5.15 -5.43
N ASP A 72 -29.58 6.03 -4.44
CA ASP A 72 -30.45 7.20 -4.46
C ASP A 72 -29.76 8.50 -4.87
N HIS A 73 -28.43 8.54 -4.86
CA HIS A 73 -27.71 9.78 -5.12
C HIS A 73 -26.50 9.68 -6.04
N TYR A 74 -26.23 8.53 -6.64
CA TYR A 74 -25.05 8.46 -7.49
C TYR A 74 -25.41 8.94 -8.89
N VAL A 75 -24.62 8.52 -9.90
CA VAL A 75 -24.65 9.19 -11.21
C VAL A 75 -26.00 9.00 -11.88
N GLU A 76 -26.54 10.10 -12.42
CA GLU A 76 -27.74 10.09 -13.23
C GLU A 76 -27.36 10.50 -14.65
N ASP A 77 -28.20 10.12 -15.60
CA ASP A 77 -27.94 10.55 -16.96
C ASP A 77 -28.34 12.03 -17.12
N ASP A 78 -28.11 12.56 -18.32
CA ASP A 78 -28.27 13.99 -18.60
C ASP A 78 -29.64 14.50 -18.17
N ASP A 79 -30.70 13.77 -18.54
N ASP A 79 -30.70 13.78 -18.53
CA ASP A 79 -32.06 14.20 -18.31
CA ASP A 79 -32.06 14.23 -18.29
C ASP A 79 -32.69 13.58 -17.08
C ASP A 79 -32.68 13.59 -17.06
N SER A 80 -31.88 12.97 -16.20
CA SER A 80 -32.37 12.40 -14.96
C SER A 80 -33.53 11.43 -15.19
N GLN A 81 -33.40 10.56 -16.18
N GLN A 81 -33.39 10.58 -16.22
CA GLN A 81 -34.35 9.46 -16.32
CA GLN A 81 -34.29 9.47 -16.44
C GLN A 81 -33.79 8.13 -15.80
C GLN A 81 -33.79 8.18 -15.76
N PHE A 82 -32.47 7.99 -15.72
CA PHE A 82 -31.83 6.81 -15.18
C PHE A 82 -30.79 7.16 -14.15
N ARG A 83 -30.67 6.29 -13.14
CA ARG A 83 -29.63 6.41 -12.15
C ARG A 83 -29.04 5.02 -11.93
N PHE A 84 -27.74 4.97 -11.74
CA PHE A 84 -27.07 3.70 -11.51
C PHE A 84 -27.53 3.08 -10.20
N ASN A 85 -27.61 1.75 -10.20
CA ASN A 85 -28.03 0.97 -9.04
C ASN A 85 -26.99 -0.17 -8.87
N TYR A 86 -25.76 0.20 -8.57
CA TYR A 86 -24.70 -0.78 -8.36
C TYR A 86 -25.11 -1.76 -7.26
N SER A 87 -24.96 -3.06 -7.51
CA SER A 87 -25.29 -4.06 -6.50
C SER A 87 -24.17 -4.17 -5.48
N LYS A 88 -24.50 -4.73 -4.30
CA LYS A 88 -23.48 -4.97 -3.30
C LYS A 88 -22.42 -5.92 -3.83
N GLU A 89 -22.85 -6.94 -4.56
CA GLU A 89 -21.88 -7.87 -5.14
C GLU A 89 -20.96 -7.16 -6.11
N PHE A 90 -21.51 -6.22 -6.91
CA PHE A 90 -20.65 -5.48 -7.83
C PHE A 90 -19.66 -4.61 -7.06
N LEU A 91 -20.15 -3.86 -6.07
CA LEU A 91 -19.27 -2.98 -5.32
C LEU A 91 -18.16 -3.75 -4.62
N ARG A 92 -18.49 -4.93 -4.11
CA ARG A 92 -17.47 -5.77 -3.48
C ARG A 92 -16.41 -6.14 -4.50
N TRP A 93 -16.84 -6.56 -5.70
CA TRP A 93 -15.90 -6.92 -6.75
C TRP A 93 -15.10 -5.70 -7.21
N ALA A 94 -15.75 -4.53 -7.27
CA ALA A 94 -15.11 -3.34 -7.81
C ALA A 94 -14.19 -2.64 -6.81
N LEU A 95 -14.40 -2.83 -5.52
CA LEU A 95 -13.69 -2.07 -4.51
C LEU A 95 -12.82 -2.93 -3.60
N CYS A 96 -13.17 -4.18 -3.37
CA CYS A 96 -12.36 -5.07 -2.53
C CYS A 96 -11.43 -5.86 -3.44
N VAL A 97 -10.49 -5.13 -4.04
CA VAL A 97 -9.59 -5.71 -5.02
C VAL A 97 -8.29 -6.12 -4.34
N PRO A 98 -7.46 -6.94 -4.97
CA PRO A 98 -6.19 -7.32 -4.34
C PRO A 98 -5.37 -6.09 -4.01
N GLY A 99 -4.90 -6.02 -2.76
CA GLY A 99 -4.07 -4.91 -2.33
C GLY A 99 -4.83 -3.71 -1.82
N GLN A 100 -6.15 -3.77 -1.79
CA GLN A 100 -6.94 -2.67 -1.28
C GLN A 100 -6.62 -2.37 0.19
N LYS A 101 -6.69 -1.09 0.53
CA LYS A 101 -6.48 -0.60 1.88
C LYS A 101 -7.84 -0.27 2.52
N LYS A 102 -7.94 -0.54 3.81
CA LYS A 102 -9.18 -0.29 4.53
C LYS A 102 -9.57 1.19 4.48
N ASN A 103 -8.59 2.08 4.56
CA ASN A 103 -8.93 3.49 4.65
C ASN A 103 -9.06 4.16 3.28
N TRP A 104 -9.00 3.40 2.18
CA TRP A 104 -9.30 3.95 0.86
C TRP A 104 -10.78 3.85 0.51
N LEU A 105 -11.59 3.36 1.43
CA LEU A 105 -13.05 3.32 1.27
C LEU A 105 -13.59 4.29 2.31
N VAL A 106 -13.99 5.49 1.86
CA VAL A 106 -14.17 6.61 2.78
C VAL A 106 -15.63 7.03 2.79
N GLY A 107 -16.24 6.95 3.97
CA GLY A 107 -17.58 7.44 4.12
C GLY A 107 -17.66 8.72 4.91
N VAL A 108 -18.78 9.44 4.76
CA VAL A 108 -19.14 10.56 5.62
C VAL A 108 -20.49 10.25 6.24
N ARG A 109 -20.58 10.41 7.56
N ARG A 109 -20.58 10.33 7.56
CA ARG A 109 -21.76 10.05 8.34
CA ARG A 109 -21.85 10.07 8.22
C ARG A 109 -22.23 11.24 9.16
C ARG A 109 -22.24 11.23 9.13
N VAL A 110 -23.54 11.41 9.29
CA VAL A 110 -24.09 12.38 10.22
C VAL A 110 -24.00 11.80 11.61
N ASN A 111 -23.41 12.55 12.54
CA ASN A 111 -23.17 12.00 13.87
C ASN A 111 -24.48 11.72 14.59
N GLU A 112 -25.44 12.65 14.49
CA GLU A 112 -26.66 12.54 15.30
C GLU A 112 -27.56 11.41 14.82
N THR A 113 -27.59 11.15 13.51
CA THR A 113 -28.48 10.15 12.94
C THR A 113 -27.76 8.90 12.43
N LYS A 114 -26.43 8.91 12.34
CA LYS A 114 -25.64 7.82 11.76
C LYS A 114 -25.91 7.64 10.26
N LYS A 115 -26.60 8.57 9.63
N LYS A 115 -26.59 8.51 9.66
CA LYS A 115 -26.92 8.42 8.22
CA LYS A 115 -26.90 8.44 8.24
C LYS A 115 -25.72 8.79 7.37
C LYS A 115 -25.66 8.76 7.41
N MET A 116 -25.40 7.92 6.41
CA MET A 116 -24.29 8.14 5.50
C MET A 116 -24.70 9.11 4.40
N VAL A 117 -23.91 10.16 4.22
CA VAL A 117 -24.25 11.22 3.27
C VAL A 117 -23.15 11.48 2.26
N GLY A 118 -22.04 10.77 2.35
CA GLY A 118 -20.93 10.95 1.44
C GLY A 118 -20.12 9.68 1.33
N PHE A 119 -19.51 9.51 0.17
CA PHE A 119 -18.63 8.39 -0.10
C PHE A 119 -17.64 8.84 -1.16
N ILE A 120 -16.42 8.32 -1.04
CA ILE A 120 -15.45 8.37 -2.12
C ILE A 120 -14.54 7.18 -1.90
N SER A 121 -14.05 6.59 -2.99
CA SER A 121 -13.22 5.41 -2.94
C SER A 121 -11.99 5.59 -3.80
N ALA A 122 -10.94 4.85 -3.43
CA ALA A 122 -9.81 4.63 -4.33
C ALA A 122 -9.49 3.15 -4.32
N ILE A 123 -9.09 2.63 -5.47
CA ILE A 123 -8.58 1.27 -5.51
C ILE A 123 -7.15 1.33 -6.02
N PRO A 124 -6.29 0.43 -5.60
CA PRO A 124 -4.95 0.36 -6.17
C PRO A 124 -4.96 -0.35 -7.50
N ILE A 125 -4.18 0.17 -8.44
CA ILE A 125 -3.94 -0.54 -9.69
C ILE A 125 -2.49 -0.30 -10.09
N LYS A 126 -2.01 -1.14 -10.99
CA LYS A 126 -0.73 -0.96 -11.63
C LYS A 126 -0.98 -0.48 -13.05
N VAL A 127 -0.22 0.52 -13.49
N VAL A 127 -0.20 0.50 -13.50
CA VAL A 127 -0.39 1.07 -14.83
CA VAL A 127 -0.39 1.07 -14.83
C VAL A 127 0.98 1.27 -15.47
C VAL A 127 0.97 1.30 -15.47
N ARG A 128 1.04 1.06 -16.77
CA ARG A 128 2.14 1.49 -17.60
C ARG A 128 1.67 2.79 -18.26
N ILE A 129 2.52 3.81 -18.20
CA ILE A 129 2.28 5.05 -18.91
C ILE A 129 3.54 5.25 -19.75
N HIS A 130 3.45 4.93 -21.04
CA HIS A 130 4.58 5.05 -21.95
C HIS A 130 5.75 4.24 -21.37
N ASN A 131 6.89 4.87 -21.11
CA ASN A 131 8.08 4.15 -20.67
C ASN A 131 8.15 3.95 -19.16
N CYS A 132 7.10 4.34 -18.43
N CYS A 132 7.08 4.28 -18.44
CA CYS A 132 7.08 4.21 -16.97
CA CYS A 132 7.06 4.24 -16.99
C CYS A 132 6.02 3.21 -16.53
C CYS A 132 5.99 3.27 -16.51
N ILE A 133 6.24 2.68 -15.35
CA ILE A 133 5.28 1.79 -14.70
C ILE A 133 5.20 2.25 -13.25
N MET A 134 4.02 2.12 -12.66
CA MET A 134 3.87 2.60 -11.30
C MET A 134 2.66 1.95 -10.65
N ASN A 135 2.70 1.86 -9.33
CA ASN A 135 1.50 1.65 -8.54
C ASN A 135 0.76 2.98 -8.46
N THR A 136 -0.53 2.96 -8.71
CA THR A 136 -1.29 4.17 -8.70
C THR A 136 -2.64 3.86 -8.09
N SER A 137 -3.55 4.80 -8.25
CA SER A 137 -4.88 4.73 -7.68
C SER A 137 -5.89 5.12 -8.75
N VAL A 138 -7.11 4.61 -8.58
CA VAL A 138 -8.27 5.02 -9.34
C VAL A 138 -9.30 5.52 -8.35
N VAL A 139 -9.72 6.76 -8.51
CA VAL A 139 -10.75 7.31 -7.62
C VAL A 139 -12.08 7.15 -8.32
N ASN A 140 -13.08 6.73 -7.57
CA ASN A 140 -14.38 6.41 -8.16
C ASN A 140 -15.42 6.45 -7.06
N PHE A 141 -16.69 6.49 -7.49
CA PHE A 141 -17.83 6.45 -6.57
C PHE A 141 -17.86 7.65 -5.63
N LEU A 142 -17.33 8.78 -6.08
CA LEU A 142 -17.56 10.04 -5.37
C LEU A 142 -19.05 10.35 -5.36
N CYS A 143 -19.61 10.53 -4.17
CA CYS A 143 -21.05 10.73 -4.10
C CYS A 143 -21.37 11.57 -2.86
N VAL A 144 -22.16 12.61 -3.05
CA VAL A 144 -22.69 13.41 -1.95
C VAL A 144 -24.20 13.36 -2.03
N HIS A 145 -24.84 13.18 -0.87
CA HIS A 145 -26.28 13.23 -0.75
C HIS A 145 -26.82 14.48 -1.42
N LYS A 146 -27.93 14.31 -2.15
CA LYS A 146 -28.49 15.42 -2.93
C LYS A 146 -28.79 16.64 -2.07
N LYS A 147 -29.25 16.42 -0.84
CA LYS A 147 -29.52 17.57 0.02
C LYS A 147 -28.27 18.35 0.42
N LEU A 148 -27.08 17.81 0.21
CA LEU A 148 -25.85 18.50 0.56
C LEU A 148 -25.06 18.99 -0.65
N ARG A 149 -25.68 19.00 -1.82
CA ARG A 149 -24.99 19.41 -3.03
C ARG A 149 -24.78 20.92 -3.04
N SER A 150 -23.76 21.35 -3.80
CA SER A 150 -23.44 22.75 -4.02
C SER A 150 -22.97 23.43 -2.74
N LYS A 151 -22.45 22.65 -1.79
N LYS A 151 -22.44 22.66 -1.79
CA LYS A 151 -21.90 23.17 -0.55
CA LYS A 151 -21.88 23.21 -0.55
C LYS A 151 -20.38 23.01 -0.48
C LYS A 151 -20.38 22.99 -0.47
N ARG A 152 -19.75 22.67 -1.60
CA ARG A 152 -18.30 22.49 -1.68
C ARG A 152 -17.82 21.38 -0.76
N LEU A 153 -18.62 20.33 -0.58
CA LEU A 153 -18.12 19.17 0.13
C LEU A 153 -17.24 18.30 -0.76
N ALA A 154 -17.50 18.28 -2.07
CA ALA A 154 -16.74 17.43 -2.95
C ALA A 154 -15.24 17.71 -2.90
N PRO A 155 -14.78 18.96 -2.91
CA PRO A 155 -13.33 19.17 -2.75
C PRO A 155 -12.82 18.61 -1.44
N VAL A 156 -13.65 18.63 -0.38
CA VAL A 156 -13.20 18.08 0.89
C VAL A 156 -12.97 16.58 0.76
N LEU A 157 -13.94 15.87 0.18
CA LEU A 157 -13.77 14.44 -0.05
C LEU A 157 -12.57 14.15 -0.95
N ILE A 158 -12.39 14.96 -1.98
CA ILE A 158 -11.28 14.73 -2.92
C ILE A 158 -9.94 14.96 -2.23
N LYS A 159 -9.84 16.03 -1.45
CA LYS A 159 -8.59 16.27 -0.74
C LYS A 159 -8.31 15.17 0.27
N GLU A 160 -9.35 14.65 0.93
CA GLU A 160 -9.13 13.65 1.97
C GLU A 160 -8.74 12.31 1.35
N ILE A 161 -9.33 11.93 0.21
CA ILE A 161 -8.87 10.71 -0.45
C ILE A 161 -7.45 10.91 -0.97
N THR A 162 -7.13 12.11 -1.44
CA THR A 162 -5.78 12.41 -1.89
C THR A 162 -4.79 12.21 -0.75
N ARG A 163 -5.12 12.73 0.43
CA ARG A 163 -4.26 12.57 1.58
C ARG A 163 -4.06 11.10 1.92
N ARG A 164 -5.14 10.32 1.84
CA ARG A 164 -5.05 8.91 2.19
C ARG A 164 -4.24 8.12 1.17
N ILE A 165 -4.31 8.51 -0.10
CA ILE A 165 -3.51 7.87 -1.14
C ILE A 165 -2.04 8.22 -0.97
N ARG A 166 -1.75 9.49 -0.71
CA ARG A 166 -0.37 9.92 -0.52
C ARG A 166 0.26 9.28 0.71
N CYS A 167 -0.52 9.03 1.76
CA CYS A 167 0.02 8.34 2.93
C CYS A 167 0.48 6.93 2.59
N GLU A 168 0.07 6.41 1.45
CA GLU A 168 0.53 5.13 0.95
C GLU A 168 1.65 5.28 -0.08
N LYS A 169 2.28 6.44 -0.14
CA LYS A 169 3.42 6.72 -1.02
C LYS A 169 3.03 6.73 -2.48
N ILE A 170 1.77 6.99 -2.77
CA ILE A 170 1.23 7.04 -4.13
C ILE A 170 0.80 8.48 -4.42
N PHE A 171 1.30 9.04 -5.52
CA PHE A 171 1.14 10.47 -5.79
C PHE A 171 0.44 10.74 -7.10
N GLN A 172 -0.05 9.72 -7.76
CA GLN A 172 -0.82 9.85 -8.96
C GLN A 172 -2.17 9.15 -8.78
N SER A 173 -3.09 9.49 -9.66
CA SER A 173 -4.39 8.87 -9.68
C SER A 173 -4.97 8.96 -11.08
N ILE A 174 -5.90 8.06 -11.36
CA ILE A 174 -6.66 8.12 -12.60
C ILE A 174 -8.13 8.21 -12.24
N TYR A 175 -8.86 9.02 -12.98
CA TYR A 175 -10.29 9.18 -12.73
C TYR A 175 -10.92 9.63 -14.03
N THR A 176 -12.23 9.37 -14.14
CA THR A 176 -13.00 9.84 -15.26
C THR A 176 -14.16 10.68 -14.76
N CYS A 177 -14.71 11.48 -15.67
N CYS A 177 -14.71 11.48 -15.67
CA CYS A 177 -15.84 12.35 -15.36
CA CYS A 177 -15.84 12.33 -15.36
C CYS A 177 -16.63 12.54 -16.64
C CYS A 177 -16.63 12.57 -16.63
N GLY A 178 -17.96 12.61 -16.50
CA GLY A 178 -18.83 12.80 -17.63
C GLY A 178 -18.91 14.22 -18.09
N LYS A 179 -18.11 15.10 -17.50
CA LYS A 179 -18.05 16.51 -17.90
C LYS A 179 -16.58 16.95 -17.89
N ASN A 180 -16.32 18.05 -18.60
CA ASN A 180 -14.98 18.61 -18.60
C ASN A 180 -14.72 19.31 -17.28
N ILE A 181 -13.59 19.00 -16.66
CA ILE A 181 -13.13 19.68 -15.45
C ILE A 181 -11.90 20.48 -15.79
N THR A 182 -10.76 19.81 -15.85
CA THR A 182 -9.50 20.34 -16.37
C THR A 182 -9.26 19.73 -17.75
N LYS A 183 -8.02 19.71 -18.22
CA LYS A 183 -7.76 19.18 -19.56
C LYS A 183 -7.69 17.66 -19.52
N PRO A 184 -8.59 16.95 -20.20
CA PRO A 184 -8.53 15.48 -20.20
C PRO A 184 -7.44 15.00 -21.14
N PHE A 185 -6.81 13.87 -20.80
CA PHE A 185 -5.84 13.31 -21.72
C PHE A 185 -6.48 12.48 -22.82
N THR A 186 -7.71 12.01 -22.63
CA THR A 186 -8.48 11.47 -23.73
C THR A 186 -9.97 11.65 -23.43
N ILE A 187 -10.75 11.52 -24.48
CA ILE A 187 -12.20 11.62 -24.37
C ILE A 187 -12.77 10.36 -24.98
N GLY A 188 -13.62 9.68 -24.22
CA GLY A 188 -14.27 8.47 -24.66
C GLY A 188 -15.69 8.81 -25.12
N THR A 189 -16.12 8.12 -26.16
CA THR A 189 -17.50 8.20 -26.63
C THR A 189 -18.28 6.94 -26.25
N TYR A 190 -19.49 7.16 -25.75
CA TYR A 190 -20.41 6.10 -25.37
C TYR A 190 -21.13 5.54 -26.60
N TRP A 191 -21.21 4.22 -26.67
CA TRP A 191 -21.89 3.52 -27.75
C TRP A 191 -22.76 2.42 -27.13
N HIS A 192 -24.00 2.36 -27.55
CA HIS A 192 -25.01 1.50 -26.97
C HIS A 192 -25.48 0.49 -28.00
N ARG A 193 -25.47 -0.79 -27.66
CA ARG A 193 -26.05 -1.82 -28.52
C ARG A 193 -27.36 -2.26 -27.87
N ILE A 194 -28.47 -2.03 -28.56
CA ILE A 194 -29.79 -2.33 -28.02
C ILE A 194 -30.02 -3.82 -28.10
N ILE A 195 -30.34 -4.45 -26.96
CA ILE A 195 -30.59 -5.90 -26.91
C ILE A 195 -32.08 -6.21 -26.70
N ASN A 196 -32.67 -5.71 -25.63
N ASN A 196 -32.66 -5.73 -25.62
CA ASN A 196 -34.08 -5.94 -25.32
CA ASN A 196 -34.09 -5.95 -25.34
C ASN A 196 -34.85 -4.67 -25.70
C ASN A 196 -34.83 -4.68 -25.71
N VAL A 197 -35.44 -4.68 -26.90
CA VAL A 197 -36.06 -3.47 -27.43
C VAL A 197 -37.29 -3.07 -26.61
N LYS A 198 -38.20 -4.02 -26.38
N LYS A 198 -38.20 -4.02 -26.38
CA LYS A 198 -39.44 -3.70 -25.67
CA LYS A 198 -39.44 -3.70 -25.67
C LYS A 198 -39.15 -3.11 -24.29
C LYS A 198 -39.13 -3.10 -24.30
N LYS A 199 -38.20 -3.70 -23.56
CA LYS A 199 -37.88 -3.19 -22.24
C LYS A 199 -37.32 -1.77 -22.31
N LEU A 200 -36.43 -1.52 -23.29
CA LEU A 200 -35.82 -0.21 -23.38
C LEU A 200 -36.78 0.85 -23.92
N LEU A 201 -37.78 0.44 -24.73
CA LEU A 201 -38.85 1.36 -25.08
C LEU A 201 -39.69 1.71 -23.86
N GLU A 202 -40.03 0.70 -23.05
CA GLU A 202 -40.89 0.93 -21.91
C GLU A 202 -40.21 1.77 -20.85
N ALA A 203 -38.88 1.71 -20.80
CA ALA A 203 -38.08 2.52 -19.91
C ALA A 203 -37.85 3.93 -20.42
N GLY A 204 -38.14 4.20 -21.69
CA GLY A 204 -37.88 5.52 -22.25
C GLY A 204 -36.47 5.79 -22.69
N PHE A 205 -35.64 4.74 -22.84
CA PHE A 205 -34.27 4.95 -23.29
C PHE A 205 -34.23 5.28 -24.77
N ILE A 206 -35.05 4.58 -25.56
CA ILE A 206 -35.26 4.87 -26.96
C ILE A 206 -36.75 5.04 -27.18
N GLY A 207 -37.11 5.48 -28.40
CA GLY A 207 -38.49 5.53 -28.82
C GLY A 207 -38.64 4.85 -30.16
N ILE A 208 -39.89 4.67 -30.59
CA ILE A 208 -40.22 4.01 -31.84
C ILE A 208 -40.21 5.06 -32.96
N PRO A 209 -39.28 5.02 -33.89
CA PRO A 209 -39.29 6.02 -34.98
C PRO A 209 -40.56 5.95 -35.81
N ARG A 210 -40.93 7.10 -36.38
CA ARG A 210 -42.17 7.17 -37.15
C ARG A 210 -42.14 6.26 -38.37
N ASN A 211 -40.94 6.00 -38.92
CA ASN A 211 -40.81 5.12 -40.06
C ASN A 211 -40.57 3.67 -39.66
N MET A 212 -40.78 3.34 -38.39
CA MET A 212 -40.58 1.98 -37.89
C MET A 212 -41.83 1.52 -37.14
N THR A 213 -41.73 0.30 -36.62
CA THR A 213 -42.71 -0.27 -35.71
C THR A 213 -41.93 -1.03 -34.64
N MET A 214 -42.63 -1.48 -33.60
CA MET A 214 -41.92 -2.22 -32.57
C MET A 214 -41.35 -3.50 -33.15
N SER A 215 -42.09 -4.13 -34.08
CA SER A 215 -41.62 -5.38 -34.68
C SER A 215 -40.42 -5.14 -35.59
N SER A 216 -40.45 -4.06 -36.39
CA SER A 216 -39.30 -3.78 -37.24
C SER A 216 -38.12 -3.28 -36.41
N LEU A 217 -38.37 -2.57 -35.31
CA LEU A 217 -37.29 -2.21 -34.40
C LEU A 217 -36.65 -3.46 -33.81
N ILE A 218 -37.47 -4.39 -33.34
CA ILE A 218 -36.93 -5.65 -32.83
C ILE A 218 -36.08 -6.31 -33.90
N LYS A 219 -36.60 -6.34 -35.15
N LYS A 219 -36.61 -6.36 -35.14
CA LYS A 219 -35.86 -7.00 -36.22
CA LYS A 219 -35.87 -6.99 -36.22
C LYS A 219 -34.53 -6.30 -36.48
C LYS A 219 -34.53 -6.30 -36.44
N TYR A 220 -34.53 -4.97 -36.49
CA TYR A 220 -33.30 -4.27 -36.82
C TYR A 220 -32.23 -4.42 -35.75
N HIS A 221 -32.61 -4.42 -34.46
CA HIS A 221 -31.66 -4.45 -33.37
C HIS A 221 -31.24 -5.85 -32.97
N ARG A 222 -31.76 -6.88 -33.65
N ARG A 222 -31.75 -6.87 -33.67
CA ARG A 222 -31.46 -8.26 -33.27
CA ARG A 222 -31.45 -8.25 -33.30
C ARG A 222 -29.96 -8.51 -33.31
C ARG A 222 -29.95 -8.49 -33.29
N ILE A 223 -29.48 -9.28 -32.32
CA ILE A 223 -28.10 -9.73 -32.29
C ILE A 223 -27.98 -10.78 -33.39
N PRO A 224 -27.06 -10.64 -34.35
CA PRO A 224 -27.00 -11.62 -35.43
C PRO A 224 -26.72 -13.01 -34.86
N ALA A 225 -27.38 -13.99 -35.44
CA ALA A 225 -27.38 -15.35 -34.94
C ALA A 225 -26.32 -16.23 -35.60
N ASP A 226 -26.15 -16.10 -36.91
CA ASP A 226 -25.26 -16.97 -37.65
C ASP A 226 -23.81 -16.58 -37.41
N LYS A 227 -22.91 -17.40 -37.95
CA LYS A 227 -21.46 -17.15 -37.89
C LYS A 227 -20.93 -17.27 -36.47
N ARG A 228 -21.42 -18.25 -35.73
CA ARG A 228 -20.92 -18.50 -34.39
C ARG A 228 -19.56 -19.19 -34.45
N ILE A 229 -18.67 -18.78 -33.54
CA ILE A 229 -17.35 -19.38 -33.43
C ILE A 229 -17.29 -20.12 -32.10
N GLU A 230 -16.99 -21.41 -32.18
CA GLU A 230 -17.00 -22.29 -31.02
C GLU A 230 -15.65 -22.23 -30.29
N GLY A 231 -15.56 -22.95 -29.18
CA GLY A 231 -14.37 -22.96 -28.36
C GLY A 231 -14.39 -21.99 -27.22
N PHE A 232 -15.41 -21.15 -27.12
CA PHE A 232 -15.54 -20.22 -26.01
C PHE A 232 -16.18 -20.89 -24.81
N ARG A 233 -15.78 -20.46 -23.63
CA ARG A 233 -16.27 -21.00 -22.37
C ARG A 233 -15.96 -20.01 -21.28
N PRO A 234 -16.71 -20.04 -20.17
CA PRO A 234 -16.38 -19.13 -19.07
C PRO A 234 -14.99 -19.45 -18.56
N SER A 235 -14.28 -18.41 -18.13
CA SER A 235 -13.00 -18.65 -17.47
C SER A 235 -13.24 -19.26 -16.09
N VAL A 236 -12.20 -19.91 -15.56
CA VAL A 236 -12.18 -20.46 -14.22
C VAL A 236 -10.87 -20.05 -13.58
N ASP A 237 -10.76 -20.33 -12.28
CA ASP A 237 -9.60 -19.86 -11.51
C ASP A 237 -8.30 -20.34 -12.13
N SER A 238 -8.25 -21.60 -12.58
CA SER A 238 -7.01 -22.18 -13.08
C SER A 238 -6.55 -21.55 -14.39
N ASP A 239 -7.40 -20.75 -15.03
CA ASP A 239 -7.01 -20.02 -16.23
C ASP A 239 -6.10 -18.83 -15.93
N ALA A 240 -5.93 -18.45 -14.66
CA ALA A 240 -5.35 -17.15 -14.36
C ALA A 240 -3.99 -16.97 -15.01
N GLU A 241 -3.12 -17.99 -14.92
CA GLU A 241 -1.79 -17.88 -15.48
C GLU A 241 -1.84 -17.67 -16.99
N GLN A 242 -2.70 -18.42 -17.68
CA GLN A 242 -2.80 -18.29 -19.13
C GLN A 242 -3.39 -16.94 -19.52
N ILE A 243 -4.37 -16.47 -18.75
CA ILE A 243 -4.97 -15.17 -19.00
C ILE A 243 -3.94 -14.08 -18.75
N CYS A 244 -3.19 -14.18 -17.66
CA CYS A 244 -2.15 -13.18 -17.39
C CYS A 244 -1.18 -13.10 -18.56
N LYS A 245 -0.74 -14.25 -19.07
CA LYS A 245 0.14 -14.26 -20.24
C LYS A 245 -0.57 -13.67 -21.46
N LEU A 246 -1.85 -13.98 -21.65
CA LEU A 246 -2.58 -13.44 -22.78
C LEU A 246 -2.53 -11.92 -22.78
N PHE A 247 -2.77 -11.30 -21.62
CA PHE A 247 -2.74 -9.85 -21.52
C PHE A 247 -1.34 -9.30 -21.77
N GLU A 248 -0.31 -9.97 -21.26
CA GLU A 248 1.05 -9.52 -21.49
C GLU A 248 1.34 -9.43 -22.99
N ASN A 249 1.01 -10.50 -23.73
CA ASN A 249 1.23 -10.51 -25.17
C ASN A 249 0.41 -9.45 -25.87
N TYR A 250 -0.82 -9.22 -25.39
CA TYR A 250 -1.69 -8.20 -25.96
C TYR A 250 -1.08 -6.82 -25.79
N PHE A 251 -0.67 -6.47 -24.57
CA PHE A 251 -0.05 -5.16 -24.34
C PHE A 251 1.31 -5.08 -25.04
N MET A 252 2.05 -6.19 -25.11
CA MET A 252 3.28 -6.19 -25.90
C MET A 252 2.99 -5.95 -27.37
N LYS A 253 1.90 -6.52 -27.88
CA LYS A 253 1.55 -6.32 -29.28
C LYS A 253 1.29 -4.84 -29.59
N TYR A 254 0.64 -4.13 -28.66
CA TYR A 254 0.18 -2.77 -28.91
C TYR A 254 1.05 -1.73 -28.20
N LYS A 255 2.22 -2.12 -27.73
CA LYS A 255 3.08 -1.20 -27.00
C LYS A 255 3.42 0.01 -27.87
N ASP A 256 3.60 1.15 -27.21
CA ASP A 256 4.04 2.38 -27.85
C ASP A 256 5.50 2.69 -27.50
N VAL A 257 6.23 1.69 -27.01
CA VAL A 257 7.66 1.80 -26.74
C VAL A 257 8.33 0.55 -27.28
N SER A 258 9.66 0.59 -27.33
CA SER A 258 10.43 -0.53 -27.84
C SER A 258 10.26 -1.76 -26.95
N ASN A 259 10.65 -2.92 -27.50
CA ASN A 259 10.64 -4.15 -26.72
C ASN A 259 11.53 -4.04 -25.50
N GLU A 260 12.73 -3.49 -25.68
CA GLU A 260 13.66 -3.33 -24.56
C GLU A 260 13.10 -2.40 -23.51
N THR A 261 12.44 -1.32 -23.94
CA THR A 261 11.81 -0.41 -22.98
C THR A 261 10.71 -1.12 -22.22
N MET A 262 9.88 -1.91 -22.92
CA MET A 262 8.78 -2.60 -22.26
C MET A 262 9.29 -3.58 -21.21
N ASN A 263 10.45 -4.17 -21.42
CA ASN A 263 11.07 -5.07 -20.45
C ASN A 263 11.92 -4.32 -19.43
N ASN A 264 12.00 -3.00 -19.53
CA ASN A 264 12.84 -2.21 -18.63
C ASN A 264 12.15 -0.87 -18.30
N LEU A 265 10.87 -0.94 -17.98
CA LEU A 265 10.11 0.27 -17.70
C LEU A 265 10.71 0.96 -16.48
N ILE A 266 10.59 2.28 -16.45
CA ILE A 266 11.02 3.03 -15.28
C ILE A 266 9.97 2.81 -14.19
N ASN A 267 10.40 2.23 -13.07
CA ASN A 267 9.47 1.95 -11.97
C ASN A 267 9.37 3.20 -11.11
N TYR A 268 8.30 3.97 -11.29
CA TYR A 268 8.21 5.25 -10.60
C TYR A 268 8.12 5.05 -9.09
N ASP A 269 7.57 3.92 -8.63
CA ASP A 269 7.58 3.63 -7.18
C ASP A 269 8.96 3.77 -6.57
N GLU A 270 10.00 3.40 -7.30
CA GLU A 270 11.35 3.38 -6.73
C GLU A 270 12.02 4.76 -6.71
N ILE A 271 11.47 5.76 -7.39
CA ILE A 271 12.12 7.06 -7.49
C ILE A 271 11.21 8.21 -7.07
N ASN A 272 9.95 7.96 -6.74
CA ASN A 272 9.06 9.08 -6.44
C ASN A 272 9.36 9.75 -5.09
N HIS A 273 10.33 9.25 -4.34
CA HIS A 273 10.69 9.79 -3.03
C HIS A 273 11.72 10.90 -3.13
N SER A 274 12.22 11.19 -4.32
CA SER A 274 13.34 12.12 -4.51
C SER A 274 13.06 13.03 -5.69
N LYS A 275 13.10 14.34 -5.46
CA LYS A 275 12.96 15.30 -6.55
C LYS A 275 14.03 15.12 -7.62
N GLU A 276 15.15 14.50 -7.29
CA GLU A 276 16.23 14.32 -8.26
C GLU A 276 16.06 13.04 -9.07
N LEU A 277 15.87 11.90 -8.40
CA LEU A 277 15.71 10.65 -9.12
C LEU A 277 14.41 10.61 -9.91
N GLY A 278 13.33 11.21 -9.36
CA GLY A 278 12.06 11.20 -10.04
C GLY A 278 12.09 11.88 -11.40
N LYS A 279 13.03 12.82 -11.58
CA LYS A 279 13.20 13.48 -12.88
C LYS A 279 13.44 12.47 -14.00
N GLN A 280 13.98 11.29 -13.66
CA GLN A 280 14.21 10.27 -14.67
C GLN A 280 12.93 9.86 -15.40
N ALA A 281 11.76 10.13 -14.80
CA ALA A 281 10.50 9.77 -15.42
C ALA A 281 10.07 10.71 -16.54
N TYR A 282 10.74 11.86 -16.71
N TYR A 282 10.74 11.85 -16.71
CA TYR A 282 10.33 12.78 -17.76
CA TYR A 282 10.39 12.78 -17.78
C TYR A 282 10.78 12.24 -19.12
C TYR A 282 10.79 12.20 -19.12
N MET A 283 9.88 12.27 -20.10
CA MET A 283 10.18 11.77 -21.44
C MET A 283 9.54 12.71 -22.45
N LYS A 284 10.37 13.28 -23.32
CA LYS A 284 9.92 14.10 -24.42
C LYS A 284 9.60 13.19 -25.60
N LEU A 285 8.43 13.39 -26.18
CA LEU A 285 8.00 12.63 -27.35
C LEU A 285 8.26 13.47 -28.59
N ASP A 286 9.06 12.92 -29.52
CA ASP A 286 9.40 13.65 -30.73
C ASP A 286 8.16 13.96 -31.55
N LYS A 287 7.39 12.92 -31.91
CA LYS A 287 6.22 13.09 -32.75
C LYS A 287 5.04 12.36 -32.11
N ILE A 288 3.89 13.01 -32.11
CA ILE A 288 2.67 12.37 -31.61
C ILE A 288 2.28 11.19 -32.49
N GLU A 289 2.69 11.19 -33.75
CA GLU A 289 2.39 10.07 -34.64
C GLU A 289 3.08 8.79 -34.20
N ASP A 290 4.15 8.89 -33.39
CA ASP A 290 4.79 7.70 -32.88
C ASP A 290 3.84 6.86 -32.02
N LEU A 291 2.72 7.43 -31.58
CA LEU A 291 1.78 6.71 -30.75
C LEU A 291 0.58 6.17 -31.52
N GLN A 292 0.49 6.44 -32.82
CA GLN A 292 -0.73 6.11 -33.55
C GLN A 292 -0.95 4.61 -33.60
N ASP A 293 -2.18 4.19 -33.26
CA ASP A 293 -2.66 2.82 -33.31
C ASP A 293 -2.04 1.93 -32.23
N LYS A 294 -1.33 2.51 -31.27
CA LYS A 294 -0.72 1.78 -30.17
C LYS A 294 -1.39 2.18 -28.87
N ILE A 295 -1.08 1.44 -27.81
CA ILE A 295 -1.59 1.72 -26.48
C ILE A 295 -0.50 2.42 -25.70
N THR A 296 -0.85 3.54 -25.06
CA THR A 296 0.08 4.37 -24.34
C THR A 296 -0.06 4.29 -22.83
N ILE A 297 -1.26 4.05 -22.33
CA ILE A 297 -1.53 3.92 -20.91
C ILE A 297 -2.53 2.79 -20.73
N HIS A 298 -2.22 1.86 -19.84
CA HIS A 298 -3.10 0.73 -19.61
C HIS A 298 -2.82 0.12 -18.26
N GLN A 299 -3.82 -0.54 -17.73
CA GLN A 299 -3.65 -1.29 -16.51
C GLN A 299 -2.81 -2.53 -16.76
N CYS A 300 -2.04 -2.90 -15.75
CA CYS A 300 -1.24 -4.11 -15.75
C CYS A 300 -1.79 -5.09 -14.72
N PHE A 301 -1.87 -6.36 -15.10
CA PHE A 301 -2.49 -7.37 -14.27
C PHE A 301 -1.46 -8.45 -13.98
N ASN A 302 -1.25 -8.74 -12.70
CA ASN A 302 -0.53 -9.95 -12.32
C ASN A 302 -1.55 -11.07 -12.16
N VAL A 303 -1.09 -12.26 -11.80
CA VAL A 303 -1.97 -13.42 -11.73
C VAL A 303 -3.06 -13.20 -10.68
N GLU A 304 -2.69 -12.64 -9.54
CA GLU A 304 -3.69 -12.34 -8.51
C GLU A 304 -4.75 -11.38 -9.04
N ASP A 305 -4.33 -10.35 -9.76
CA ASP A 305 -5.29 -9.44 -10.35
C ASP A 305 -6.19 -10.15 -11.34
N VAL A 306 -5.61 -10.96 -12.21
CA VAL A 306 -6.41 -11.67 -13.21
C VAL A 306 -7.47 -12.51 -12.52
N LYS A 307 -7.07 -13.25 -11.47
CA LYS A 307 -8.04 -14.11 -10.78
C LYS A 307 -9.21 -13.30 -10.24
N HIS A 308 -8.96 -12.07 -9.80
CA HIS A 308 -10.04 -11.29 -9.23
C HIS A 308 -10.91 -10.66 -10.31
N TYR A 309 -10.29 -10.02 -11.30
CA TYR A 309 -11.05 -9.21 -12.24
C TYR A 309 -11.68 -10.05 -13.34
N PHE A 310 -10.96 -11.03 -13.88
CA PHE A 310 -11.43 -11.74 -15.07
C PHE A 310 -12.06 -13.07 -14.67
N THR A 311 -13.09 -12.92 -13.86
CA THR A 311 -13.80 -14.04 -13.26
C THR A 311 -15.25 -14.02 -13.75
N ASN A 312 -16.08 -14.81 -13.10
CA ASN A 312 -17.49 -14.91 -13.45
C ASN A 312 -18.29 -14.92 -12.17
N ILE A 313 -18.99 -13.81 -11.91
CA ILE A 313 -19.89 -13.64 -10.79
C ILE A 313 -21.23 -13.25 -11.37
N ASP A 314 -22.27 -14.02 -11.06
CA ASP A 314 -23.59 -13.79 -11.63
C ASP A 314 -24.05 -12.35 -11.46
N LYS A 315 -24.48 -11.73 -12.55
N LYS A 315 -24.47 -11.73 -12.56
N LYS A 315 -24.47 -11.74 -12.57
CA LYS A 315 -25.01 -10.37 -12.56
CA LYS A 315 -25.00 -10.38 -12.60
CA LYS A 315 -25.00 -10.37 -12.59
C LYS A 315 -23.96 -9.32 -12.21
C LYS A 315 -23.96 -9.33 -12.17
C LYS A 315 -23.96 -9.34 -12.14
N VAL A 316 -22.68 -9.66 -12.30
CA VAL A 316 -21.61 -8.73 -11.99
C VAL A 316 -20.54 -8.70 -13.06
N ILE A 317 -19.92 -9.87 -13.33
CA ILE A 317 -18.81 -9.92 -14.26
C ILE A 317 -18.86 -11.26 -14.98
N VAL A 318 -18.65 -11.19 -16.28
CA VAL A 318 -18.67 -12.33 -17.18
C VAL A 318 -17.37 -12.32 -17.96
N THR A 319 -16.65 -13.45 -17.92
CA THR A 319 -15.38 -13.57 -18.62
C THR A 319 -15.38 -14.90 -19.35
N TYR A 320 -15.27 -14.87 -20.68
CA TYR A 320 -15.10 -16.11 -21.44
C TYR A 320 -13.75 -16.11 -22.13
N VAL A 321 -13.22 -17.30 -22.33
CA VAL A 321 -11.97 -17.48 -23.05
C VAL A 321 -12.22 -18.46 -24.19
N ARG A 322 -11.45 -18.31 -25.26
CA ARG A 322 -11.43 -19.27 -26.34
C ARG A 322 -10.18 -20.12 -26.22
N GLU A 323 -10.35 -21.42 -26.34
CA GLU A 323 -9.25 -22.37 -26.42
C GLU A 323 -9.04 -22.78 -27.87
N ASN A 324 -7.81 -23.13 -28.21
CA ASN A 324 -7.52 -23.67 -29.52
C ASN A 324 -7.54 -25.20 -29.44
N LYS A 325 -7.09 -25.85 -30.52
CA LYS A 325 -7.09 -27.31 -30.55
C LYS A 325 -6.11 -27.91 -29.55
N ASN A 326 -5.11 -27.13 -29.12
CA ASN A 326 -4.18 -27.56 -28.07
C ASN A 326 -4.70 -27.25 -26.68
N LYS A 327 -5.94 -26.77 -26.57
CA LYS A 327 -6.52 -26.42 -25.29
C LYS A 327 -5.76 -25.27 -24.64
N GLU A 328 -5.18 -24.40 -25.46
CA GLU A 328 -4.52 -23.17 -25.00
C GLU A 328 -5.47 -21.99 -25.17
N ILE A 329 -5.52 -21.12 -24.16
CA ILE A 329 -6.37 -19.93 -24.25
C ILE A 329 -5.75 -18.95 -25.22
N THR A 330 -6.54 -18.53 -26.20
CA THR A 330 -6.04 -17.70 -27.28
C THR A 330 -6.82 -16.41 -27.44
N ASP A 331 -8.01 -16.30 -26.83
CA ASP A 331 -8.87 -15.14 -26.95
C ASP A 331 -9.61 -14.96 -25.63
N LEU A 332 -10.09 -13.75 -25.40
CA LEU A 332 -10.84 -13.46 -24.19
C LEU A 332 -11.78 -12.30 -24.45
N PHE A 333 -13.01 -12.44 -23.97
CA PHE A 333 -13.93 -11.31 -23.90
C PHE A 333 -14.48 -11.21 -22.48
N SER A 334 -14.76 -9.98 -22.06
CA SER A 334 -15.27 -9.79 -20.70
C SER A 334 -16.14 -8.54 -20.67
N PHE A 335 -17.16 -8.59 -19.82
CA PHE A 335 -18.01 -7.42 -19.61
C PHE A 335 -18.55 -7.48 -18.21
N PHE A 336 -18.75 -6.31 -17.59
CA PHE A 336 -19.43 -6.27 -16.30
C PHE A 336 -20.86 -5.76 -16.49
N ILE A 337 -21.65 -5.93 -15.43
CA ILE A 337 -23.09 -5.74 -15.48
C ILE A 337 -23.46 -4.78 -14.34
N ILE A 338 -24.16 -3.70 -14.70
CA ILE A 338 -24.67 -2.75 -13.71
C ILE A 338 -26.15 -2.53 -13.99
N GLU A 339 -26.95 -2.59 -12.95
CA GLU A 339 -28.35 -2.22 -13.06
C GLU A 339 -28.51 -0.72 -12.95
N SER A 340 -29.48 -0.19 -13.67
CA SER A 340 -29.88 1.19 -13.56
C SER A 340 -31.35 1.27 -13.19
N THR A 341 -31.68 2.23 -12.32
CA THR A 341 -33.06 2.52 -11.97
C THR A 341 -33.67 3.45 -13.02
N VAL A 342 -34.93 3.23 -13.34
CA VAL A 342 -35.75 4.20 -14.08
C VAL A 342 -36.35 5.15 -13.05
N ILE A 343 -35.83 6.39 -13.02
N ILE A 343 -35.85 6.40 -13.02
CA ILE A 343 -36.20 7.34 -11.98
CA ILE A 343 -36.09 7.29 -11.90
C ILE A 343 -37.69 7.65 -12.05
C ILE A 343 -37.58 7.51 -11.69
N ASN A 344 -38.19 7.92 -13.26
N ASN A 344 -38.31 7.79 -12.77
CA ASN A 344 -39.58 8.34 -13.46
CA ASN A 344 -39.71 8.20 -12.67
C ASN A 344 -40.51 7.16 -13.73
C ASN A 344 -40.68 7.03 -12.61
N ASN A 345 -40.33 6.04 -13.01
N ASN A 345 -40.19 5.80 -12.41
CA ASN A 345 -41.13 4.85 -13.26
CA ASN A 345 -41.06 4.62 -12.39
C ASN A 345 -41.18 4.02 -12.00
C ASN A 345 -40.46 3.60 -11.42
N GLU A 346 -42.39 3.67 -11.57
N GLU A 346 -40.73 3.80 -10.13
CA GLU A 346 -42.57 2.87 -10.36
CA GLU A 346 -40.26 2.87 -9.12
C GLU A 346 -42.79 1.40 -10.64
C GLU A 346 -40.83 1.47 -9.31
N ARG A 347 -43.37 1.05 -11.80
N ARG A 347 -41.88 1.32 -10.12
CA ARG A 347 -43.72 -0.33 -12.09
CA ARG A 347 -42.52 0.04 -10.36
C ARG A 347 -42.61 -1.08 -12.83
C ARG A 347 -41.91 -0.71 -11.54
N PHE A 348 -41.89 -0.40 -13.73
N PHE A 348 -41.02 -0.08 -12.28
CA PHE A 348 -40.72 -0.96 -14.39
CA PHE A 348 -40.50 -0.70 -13.50
C PHE A 348 -39.48 -0.27 -13.83
C PHE A 348 -39.63 -1.90 -13.16
N PRO A 349 -38.97 -0.70 -12.67
N PRO A 349 -39.70 -2.99 -13.95
CA PRO A 349 -38.04 0.15 -11.93
CA PRO A 349 -38.82 -4.13 -13.68
C PRO A 349 -36.58 0.07 -12.38
C PRO A 349 -37.35 -3.74 -13.76
N THR A 350 -36.10 -1.08 -12.85
N THR A 350 -36.47 -4.70 -13.51
CA THR A 350 -34.67 -1.22 -13.16
CA THR A 350 -35.05 -4.43 -13.45
C THR A 350 -34.46 -1.91 -14.51
C THR A 350 -34.47 -4.25 -14.85
N ILE A 351 -33.20 -1.88 -14.95
N ILE A 351 -33.66 -3.21 -15.03
CA ILE A 351 -32.78 -2.53 -16.18
CA ILE A 351 -32.87 -3.03 -16.25
C ILE A 351 -31.31 -2.94 -16.02
C ILE A 351 -31.43 -3.40 -15.93
N ASN A 352 -30.96 -4.05 -16.65
N ASN A 352 -30.86 -4.31 -16.72
CA ASN A 352 -29.62 -4.63 -16.55
CA ASN A 352 -29.49 -4.79 -16.54
C ASN A 352 -28.81 -4.23 -17.78
C ASN A 352 -28.68 -4.42 -17.77
N ILE A 353 -27.65 -3.62 -17.56
N ILE A 353 -27.65 -3.62 -17.58
CA ILE A 353 -26.83 -3.13 -18.66
CA ILE A 353 -26.84 -3.12 -18.69
C ILE A 353 -25.45 -3.77 -18.59
C ILE A 353 -25.45 -3.74 -18.61
N ALA A 354 -25.00 -4.32 -19.72
CA ALA A 354 -23.65 -4.84 -19.82
C ALA A 354 -22.70 -3.75 -20.31
N TYR A 355 -21.46 -3.81 -19.85
CA TYR A 355 -20.43 -2.82 -20.15
C TYR A 355 -19.17 -3.56 -20.57
N SER A 356 -18.68 -3.27 -21.77
N SER A 356 -18.68 -3.27 -21.78
CA SER A 356 -17.46 -3.91 -22.25
CA SER A 356 -17.46 -3.91 -22.26
C SER A 356 -16.31 -3.64 -21.31
C SER A 356 -16.31 -3.64 -21.31
N TYR A 357 -15.53 -4.68 -21.03
CA TYR A 357 -14.39 -4.57 -20.13
C TYR A 357 -13.11 -4.72 -20.93
N PHE A 358 -12.38 -5.82 -20.82
CA PHE A 358 -11.19 -6.03 -21.62
C PHE A 358 -11.42 -7.18 -22.58
N ASN A 359 -10.97 -7.01 -23.81
CA ASN A 359 -11.23 -7.98 -24.86
C ASN A 359 -9.98 -8.17 -25.69
N ILE A 360 -9.61 -9.43 -25.92
CA ILE A 360 -8.41 -9.79 -26.66
C ILE A 360 -8.82 -10.77 -27.74
N ALA A 361 -8.59 -10.41 -29.00
CA ALA A 361 -8.87 -11.26 -30.14
C ALA A 361 -7.56 -11.60 -30.84
N ASN A 362 -7.26 -12.88 -30.94
CA ASN A 362 -6.07 -13.34 -31.65
C ASN A 362 -6.37 -14.34 -32.76
N THR A 363 -7.36 -15.21 -32.56
CA THR A 363 -7.70 -16.23 -33.54
C THR A 363 -8.96 -15.87 -34.32
N CYS A 364 -9.65 -14.80 -33.94
CA CYS A 364 -10.82 -14.31 -34.65
C CYS A 364 -10.72 -12.79 -34.73
N SER A 365 -11.61 -12.21 -35.51
CA SER A 365 -11.65 -10.76 -35.56
C SER A 365 -12.30 -10.21 -34.31
N LEU A 366 -12.01 -8.95 -34.00
CA LEU A 366 -12.64 -8.32 -32.87
C LEU A 366 -14.15 -8.25 -33.07
N LYS A 367 -14.60 -8.08 -34.31
CA LYS A 367 -16.03 -8.10 -34.61
C LYS A 367 -16.64 -9.46 -34.25
N GLU A 368 -15.96 -10.54 -34.66
CA GLU A 368 -16.47 -11.87 -34.33
C GLU A 368 -16.53 -12.07 -32.82
N LEU A 369 -15.50 -11.63 -32.10
CA LEU A 369 -15.49 -11.78 -30.65
C LEU A 369 -16.62 -10.98 -30.00
N PHE A 370 -16.82 -9.73 -30.44
CA PHE A 370 -17.89 -8.92 -29.86
C PHE A 370 -19.27 -9.53 -30.16
N ASN A 371 -19.41 -10.18 -31.31
CA ASN A 371 -20.68 -10.84 -31.60
C ASN A 371 -20.94 -11.99 -30.63
N GLU A 372 -19.91 -12.76 -30.29
CA GLU A 372 -20.07 -13.81 -29.29
C GLU A 372 -20.36 -13.22 -27.92
N MET A 373 -19.70 -12.11 -27.58
CA MET A 373 -19.96 -11.45 -26.31
C MET A 373 -21.35 -10.84 -26.25
N LEU A 374 -21.84 -10.29 -27.38
CA LEU A 374 -23.19 -9.74 -27.39
C LEU A 374 -24.22 -10.84 -27.11
N ILE A 375 -24.04 -12.03 -27.70
CA ILE A 375 -24.99 -13.11 -27.47
C ILE A 375 -24.91 -13.56 -26.01
N THR A 376 -23.72 -13.58 -25.45
CA THR A 376 -23.56 -13.98 -24.05
C THR A 376 -24.18 -12.93 -23.12
N ALA A 377 -24.07 -11.66 -23.48
CA ALA A 377 -24.74 -10.62 -22.70
C ALA A 377 -26.26 -10.78 -22.75
N LYS A 378 -26.80 -11.05 -23.93
CA LYS A 378 -28.23 -11.34 -24.05
C LYS A 378 -28.63 -12.52 -23.17
N ASN A 379 -27.83 -13.61 -23.20
CA ASN A 379 -28.18 -14.77 -22.39
C ASN A 379 -28.02 -14.51 -20.90
N ASN A 380 -27.31 -13.45 -20.52
CA ASN A 380 -27.26 -13.02 -19.13
C ASN A 380 -28.33 -11.98 -18.80
N ASN A 381 -29.34 -11.85 -19.65
N ASN A 381 -29.35 -11.85 -19.63
CA ASN A 381 -30.49 -10.97 -19.41
CA ASN A 381 -30.48 -10.97 -19.35
C ASN A 381 -30.06 -9.50 -19.29
C ASN A 381 -30.08 -9.49 -19.30
N CYS A 382 -29.07 -9.11 -20.07
CA CYS A 382 -28.72 -7.70 -20.20
C CYS A 382 -29.60 -7.07 -21.26
N ASP A 383 -30.08 -5.86 -20.98
CA ASP A 383 -31.02 -5.20 -21.88
C ASP A 383 -30.30 -4.38 -22.95
N ALA A 384 -29.06 -4.03 -22.70
CA ALA A 384 -28.25 -3.27 -23.64
C ALA A 384 -26.81 -3.60 -23.32
N PHE A 385 -25.96 -3.40 -24.32
CA PHE A 385 -24.53 -3.60 -24.20
C PHE A 385 -23.85 -2.29 -24.51
N ASN A 386 -23.10 -1.78 -23.54
CA ASN A 386 -22.45 -0.48 -23.59
C ASN A 386 -20.95 -0.62 -23.79
N THR A 387 -20.40 0.20 -24.68
N THR A 387 -20.40 0.18 -24.69
CA THR A 387 -18.99 0.15 -25.03
CA THR A 387 -18.97 0.15 -24.93
C THR A 387 -18.47 1.57 -25.21
C THR A 387 -18.46 1.56 -25.20
N LEU A 388 -17.20 1.77 -24.86
CA LEU A 388 -16.48 2.98 -25.17
C LEU A 388 -15.58 2.73 -26.36
N ASP A 389 -15.17 3.80 -27.05
CA ASP A 389 -14.24 3.66 -28.17
C ASP A 389 -12.79 3.59 -27.71
N LEU A 390 -12.53 2.84 -26.63
CA LEU A 390 -11.18 2.59 -26.16
C LEU A 390 -10.54 1.43 -26.92
N MET A 391 -9.21 1.37 -26.85
CA MET A 391 -8.41 0.28 -27.45
C MET A 391 -8.86 0.12 -28.89
N GLN A 392 -9.18 -1.08 -29.37
CA GLN A 392 -9.53 -1.28 -30.77
C GLN A 392 -11.04 -1.41 -30.97
N ASN A 393 -11.83 -0.95 -29.99
CA ASN A 393 -13.27 -1.12 -30.04
C ASN A 393 -13.91 -0.41 -31.22
N LEU A 394 -13.26 0.65 -31.73
CA LEU A 394 -13.85 1.36 -32.86
C LEU A 394 -13.97 0.44 -34.06
N GLN A 395 -13.06 -0.52 -34.20
CA GLN A 395 -13.14 -1.50 -35.29
C GLN A 395 -14.48 -2.23 -35.26
N VAL A 396 -15.01 -2.49 -34.05
CA VAL A 396 -16.29 -3.14 -33.92
C VAL A 396 -17.43 -2.13 -33.98
N ILE A 397 -17.23 -0.96 -33.41
CA ILE A 397 -18.30 0.04 -33.38
C ILE A 397 -18.62 0.51 -34.79
N GLN A 398 -17.59 0.67 -35.63
CA GLN A 398 -17.82 0.97 -37.03
C GLN A 398 -18.60 -0.16 -37.69
N ASP A 399 -19.40 0.19 -38.70
CA ASP A 399 -20.13 -0.79 -39.49
C ASP A 399 -20.87 -1.77 -38.58
N SER A 400 -21.45 -1.23 -37.52
CA SER A 400 -22.22 -2.00 -36.56
C SER A 400 -23.53 -1.29 -36.29
N LYS A 401 -24.34 -1.88 -35.41
CA LYS A 401 -25.62 -1.30 -35.04
C LYS A 401 -25.58 -0.63 -33.68
N PHE A 402 -24.39 -0.29 -33.19
CA PHE A 402 -24.31 0.53 -31.98
C PHE A 402 -24.84 1.92 -32.28
N ILE A 403 -25.49 2.54 -31.29
CA ILE A 403 -26.03 3.89 -31.40
C ILE A 403 -25.27 4.78 -30.43
N ILE A 404 -24.95 5.99 -30.88
CA ILE A 404 -24.13 6.86 -30.04
C ILE A 404 -24.91 7.28 -28.79
N GLY A 405 -24.18 7.43 -27.71
CA GLY A 405 -24.75 7.91 -26.45
C GLY A 405 -24.63 9.40 -26.33
N THR A 406 -25.09 9.90 -25.19
CA THR A 406 -25.14 11.32 -24.90
C THR A 406 -23.95 11.69 -24.03
N GLY A 407 -23.30 12.78 -24.37
CA GLY A 407 -22.17 13.22 -23.59
C GLY A 407 -20.91 12.47 -23.98
N ARG A 408 -19.88 12.68 -23.17
CA ARG A 408 -18.57 12.08 -23.39
C ARG A 408 -17.93 11.79 -22.04
N LEU A 409 -17.05 10.80 -22.02
CA LEU A 409 -16.33 10.39 -20.81
C LEU A 409 -14.90 10.93 -20.87
N ARG A 410 -14.60 11.86 -19.97
CA ARG A 410 -13.29 12.52 -19.94
C ARG A 410 -12.38 11.73 -19.02
N TYR A 411 -11.16 11.47 -19.49
CA TYR A 411 -10.18 10.73 -18.70
C TYR A 411 -9.15 11.70 -18.16
N TYR A 412 -8.82 11.57 -16.89
CA TYR A 412 -7.87 12.44 -16.24
C TYR A 412 -6.81 11.63 -15.52
N VAL A 413 -5.60 12.17 -15.47
CA VAL A 413 -4.56 11.63 -14.62
C VAL A 413 -4.13 12.74 -13.66
N PHE A 414 -4.13 12.43 -12.37
CA PHE A 414 -3.69 13.35 -11.35
C PHE A 414 -2.17 13.26 -11.22
N ASN A 415 -1.51 14.41 -11.37
CA ASN A 415 -0.09 14.62 -11.14
C ASN A 415 0.79 13.85 -12.14
N TRP A 416 0.31 13.76 -13.37
CA TRP A 416 1.12 13.23 -14.45
C TRP A 416 0.76 13.98 -15.72
N LYS A 417 1.73 14.08 -16.61
CA LYS A 417 1.52 14.66 -17.94
C LYS A 417 1.37 13.53 -18.95
N ILE A 418 0.25 13.54 -19.67
CA ILE A 418 0.04 12.67 -20.82
C ILE A 418 -0.41 13.57 -21.95
N PRO A 419 0.20 13.52 -23.13
CA PRO A 419 -0.34 14.28 -24.27
C PRO A 419 -1.78 13.87 -24.54
N GLN A 420 -2.55 14.77 -25.11
CA GLN A 420 -3.89 14.38 -25.55
C GLN A 420 -3.75 13.30 -26.62
N ILE A 421 -4.40 12.17 -26.39
CA ILE A 421 -4.29 11.00 -27.26
C ILE A 421 -5.68 10.50 -27.59
N SER A 422 -5.76 9.73 -28.67
CA SER A 422 -7.01 9.07 -29.00
C SER A 422 -7.37 8.09 -27.88
N PRO A 423 -8.66 7.85 -27.65
CA PRO A 423 -9.03 6.78 -26.71
C PRO A 423 -8.59 5.39 -27.18
N SER A 424 -8.26 5.21 -28.45
CA SER A 424 -7.72 3.92 -28.85
C SER A 424 -6.37 3.65 -28.18
N ASN A 425 -5.71 4.69 -27.67
N ASN A 425 -5.71 4.69 -27.66
CA ASN A 425 -4.41 4.55 -27.02
CA ASN A 425 -4.42 4.57 -27.01
C ASN A 425 -4.53 4.31 -25.53
C ASN A 425 -4.52 4.27 -25.53
N VAL A 426 -5.74 4.10 -25.01
CA VAL A 426 -6.00 4.03 -23.59
C VAL A 426 -6.62 2.69 -23.25
N GLY A 427 -5.99 1.97 -22.32
CA GLY A 427 -6.44 0.66 -21.89
C GLY A 427 -6.74 0.67 -20.40
N ILE A 428 -7.63 1.58 -20.02
CA ILE A 428 -8.01 1.84 -18.64
C ILE A 428 -9.52 1.84 -18.63
N ILE A 429 -10.13 0.91 -17.90
CA ILE A 429 -11.59 0.83 -17.76
C ILE A 429 -11.91 1.02 -16.29
N LEU A 430 -12.73 2.02 -15.99
CA LEU A 430 -13.16 2.29 -14.62
C LEU A 430 -14.62 1.87 -14.45
N PHE A 431 -14.96 1.49 -13.23
CA PHE A 431 -16.25 0.86 -12.97
C PHE A 431 -17.40 1.85 -12.74
N PRO B 6 22.79 -2.17 -10.57
CA PRO B 6 22.89 -3.61 -10.29
C PRO B 6 23.89 -3.94 -9.19
N HIS B 7 23.57 -4.94 -8.39
CA HIS B 7 24.41 -5.29 -7.27
C HIS B 7 25.73 -5.93 -7.72
N LYS B 8 26.80 -5.62 -6.99
CA LYS B 8 28.04 -6.36 -7.11
C LYS B 8 28.31 -7.21 -5.88
N PHE B 9 27.60 -6.99 -4.78
CA PHE B 9 27.75 -7.80 -3.59
C PHE B 9 26.49 -8.60 -3.27
N TRP B 10 25.35 -7.93 -3.16
CA TRP B 10 24.15 -8.60 -2.68
C TRP B 10 23.68 -9.69 -3.62
N ASN B 11 24.05 -9.60 -4.90
CA ASN B 11 23.73 -10.66 -5.85
C ASN B 11 24.43 -11.97 -5.52
N THR B 12 25.43 -11.95 -4.63
CA THR B 12 26.22 -13.14 -4.33
C THR B 12 25.82 -13.80 -3.02
N GLN B 13 24.83 -13.27 -2.29
CA GLN B 13 24.53 -13.64 -0.94
C GLN B 13 23.23 -14.44 -0.84
N PRO B 14 23.08 -15.27 0.19
CA PRO B 14 21.85 -16.06 0.39
C PRO B 14 20.70 -15.21 0.92
N VAL B 15 20.13 -14.40 0.03
CA VAL B 15 18.94 -13.61 0.34
C VAL B 15 18.04 -13.68 -0.87
N VAL B 16 16.75 -13.47 -0.65
CA VAL B 16 15.81 -13.42 -1.77
C VAL B 16 16.12 -12.19 -2.59
N GLN B 17 16.30 -12.37 -3.91
CA GLN B 17 16.64 -11.29 -4.81
C GLN B 17 15.38 -10.60 -5.35
N ASN B 18 15.54 -9.32 -5.72
CA ASN B 18 14.41 -8.55 -6.21
C ASN B 18 13.73 -9.21 -7.42
N ASP B 19 14.47 -10.01 -8.18
CA ASP B 19 13.92 -10.71 -9.34
C ASP B 19 13.76 -12.21 -9.09
N ASP B 20 13.77 -12.64 -7.83
CA ASP B 20 13.58 -14.04 -7.50
C ASP B 20 12.10 -14.41 -7.56
N SER B 21 11.78 -15.44 -8.34
CA SER B 21 10.40 -15.87 -8.56
C SER B 21 10.12 -17.24 -7.97
N SER B 22 10.86 -18.26 -8.41
CA SER B 22 10.61 -19.62 -7.92
C SER B 22 10.87 -19.71 -6.42
N SER B 23 10.14 -20.62 -5.77
CA SER B 23 10.26 -20.79 -4.33
C SER B 23 9.91 -22.20 -3.88
N GLU B 24 8.73 -22.69 -4.28
CA GLU B 24 8.20 -23.98 -3.85
C GLU B 24 7.84 -23.94 -2.37
N TYR B 25 8.84 -23.82 -1.51
CA TYR B 25 8.61 -23.70 -0.08
C TYR B 25 8.57 -22.21 0.28
N SER B 26 7.55 -21.82 1.04
CA SER B 26 7.40 -20.42 1.40
C SER B 26 8.32 -20.00 2.54
N PHE B 27 8.64 -20.92 3.45
CA PHE B 27 9.52 -20.61 4.56
C PHE B 27 10.69 -21.59 4.58
N GLY B 28 11.80 -21.15 5.14
CA GLY B 28 12.92 -22.05 5.34
C GLY B 28 14.24 -21.42 4.99
N PRO B 29 15.33 -22.09 5.32
CA PRO B 29 16.66 -21.55 5.01
C PRO B 29 16.89 -21.54 3.51
N ILE B 30 17.65 -20.54 3.07
CA ILE B 30 17.99 -20.47 1.65
C ILE B 30 19.12 -21.43 1.33
N GLU B 31 20.09 -21.53 2.24
CA GLU B 31 21.19 -22.48 2.11
C GLU B 31 21.50 -23.03 3.48
N ILE B 32 21.94 -24.27 3.52
CA ILE B 32 22.41 -24.93 4.74
C ILE B 32 23.88 -25.24 4.47
N GLU B 33 24.76 -24.37 4.93
CA GLU B 33 26.20 -24.48 4.67
C GLU B 33 26.94 -24.37 5.99
N PRO B 34 26.79 -25.37 6.87
CA PRO B 34 27.37 -25.24 8.22
C PRO B 34 28.88 -25.38 8.25
N ASP B 35 29.49 -25.92 7.19
CA ASP B 35 30.92 -26.25 7.22
C ASP B 35 31.76 -25.47 6.22
N SER B 36 31.17 -24.92 5.16
CA SER B 36 31.94 -24.46 4.01
C SER B 36 32.12 -22.94 3.97
N PHE B 37 31.80 -22.22 5.03
CA PHE B 37 31.93 -20.78 4.98
C PHE B 37 33.37 -20.35 5.30
N ARG B 38 33.71 -19.15 4.85
CA ARG B 38 35.03 -18.60 5.11
C ARG B 38 35.19 -18.24 6.59
N LYS B 39 36.34 -18.62 7.16
CA LYS B 39 36.65 -18.35 8.55
C LYS B 39 37.85 -17.43 8.74
N GLU B 40 38.62 -17.17 7.69
CA GLU B 40 39.75 -16.25 7.80
C GLU B 40 39.27 -14.80 7.75
N ILE B 41 39.86 -13.97 8.59
CA ILE B 41 39.44 -12.57 8.70
C ILE B 41 39.64 -11.86 7.37
N TYR B 42 38.72 -10.94 7.06
CA TYR B 42 38.78 -10.23 5.79
C TYR B 42 39.82 -9.12 5.83
N LYS B 43 40.46 -8.89 4.69
N LYS B 43 40.47 -8.89 4.70
CA LYS B 43 41.47 -7.87 4.56
CA LYS B 43 41.50 -7.87 4.62
C LYS B 43 40.82 -6.50 4.36
C LYS B 43 40.87 -6.50 4.34
N LEU B 44 41.39 -5.50 5.01
CA LEU B 44 41.00 -4.11 4.80
C LEU B 44 42.02 -3.47 3.89
N PRO B 45 41.70 -2.33 3.29
CA PRO B 45 42.74 -1.61 2.52
C PRO B 45 43.92 -1.28 3.41
N ASP B 46 45.11 -1.20 2.80
CA ASP B 46 46.32 -0.89 3.54
C ASP B 46 46.12 0.37 4.38
N GLY B 47 46.67 0.33 5.60
CA GLY B 47 46.51 1.43 6.54
C GLY B 47 45.30 1.35 7.43
N PHE B 48 44.52 0.26 7.41
CA PHE B 48 43.33 0.11 8.23
C PHE B 48 43.39 -1.18 9.05
N SER B 49 42.74 -1.17 10.21
CA SER B 49 42.78 -2.32 11.10
C SER B 49 41.42 -2.58 11.71
N TRP B 50 41.13 -3.84 11.98
CA TRP B 50 39.93 -4.18 12.73
C TRP B 50 40.19 -4.03 14.21
N PHE B 51 39.12 -3.79 14.98
CA PHE B 51 39.25 -3.91 16.42
C PHE B 51 37.90 -4.27 17.01
N ASP B 52 37.95 -5.00 18.13
CA ASP B 52 36.75 -5.27 18.92
C ASP B 52 36.47 -4.02 19.75
N CYS B 53 35.29 -3.46 19.60
N CYS B 53 35.30 -3.43 19.55
CA CYS B 53 34.97 -2.19 20.21
CA CYS B 53 34.95 -2.18 20.22
C CYS B 53 34.58 -2.42 21.67
C CYS B 53 34.60 -2.44 21.68
N ASN B 54 35.28 -1.75 22.58
CA ASN B 54 35.04 -1.90 24.01
C ASN B 54 33.91 -0.98 24.42
N LEU B 55 32.68 -1.44 24.22
CA LEU B 55 31.51 -0.76 24.75
C LEU B 55 31.14 -1.26 26.13
N TRP B 56 31.95 -2.13 26.72
CA TRP B 56 31.72 -2.64 28.06
C TRP B 56 32.17 -1.68 29.14
N ASP B 57 32.88 -0.62 28.76
CA ASP B 57 33.27 0.46 29.66
C ASP B 57 32.79 1.75 29.02
N ILE B 58 31.75 2.35 29.59
CA ILE B 58 31.15 3.54 28.99
C ILE B 58 32.13 4.70 28.99
N GLU B 59 33.21 4.61 29.77
CA GLU B 59 34.25 5.63 29.78
C GLU B 59 35.40 5.33 28.82
N SER B 60 35.33 4.23 28.07
CA SER B 60 36.46 3.83 27.23
C SER B 60 36.62 4.79 26.05
N GLN B 61 37.86 4.83 25.54
CA GLN B 61 38.12 5.59 24.31
C GLN B 61 37.33 5.02 23.15
N ASP B 62 37.25 3.68 23.07
CA ASP B 62 36.46 3.07 22.00
C ASP B 62 35.03 3.60 21.99
N PHE B 63 34.43 3.74 23.17
CA PHE B 63 33.04 4.20 23.24
C PHE B 63 32.94 5.67 22.82
N GLU B 64 33.91 6.49 23.20
CA GLU B 64 33.94 7.86 22.72
C GLU B 64 34.06 7.88 21.19
N ASP B 65 35.01 7.10 20.65
CA ASP B 65 35.17 7.05 19.20
C ASP B 65 33.91 6.57 18.50
N THR B 66 33.28 5.51 19.03
CA THR B 66 32.05 5.02 18.41
C THR B 66 30.95 6.06 18.50
N TYR B 67 30.79 6.68 19.67
CA TYR B 67 29.78 7.72 19.84
C TYR B 67 29.96 8.84 18.82
N GLN B 68 31.19 9.32 18.66
CA GLN B 68 31.47 10.39 17.72
C GLN B 68 31.24 9.94 16.27
N LEU B 69 31.74 8.75 15.92
CA LEU B 69 31.53 8.28 14.55
C LEU B 69 30.04 8.30 14.23
N LEU B 70 29.22 7.70 15.10
CA LEU B 70 27.80 7.61 14.77
C LEU B 70 27.16 8.99 14.78
N LYS B 71 27.59 9.86 15.70
N LYS B 71 27.59 9.86 15.70
CA LYS B 71 26.98 11.17 15.81
CA LYS B 71 26.97 11.17 15.80
C LYS B 71 27.14 11.97 14.52
C LYS B 71 27.15 11.99 14.53
N ASP B 72 28.29 11.86 13.88
CA ASP B 72 28.59 12.67 12.71
C ASP B 72 28.37 11.94 11.39
N HIS B 73 28.17 10.62 11.43
CA HIS B 73 28.18 9.85 10.19
C HIS B 73 27.11 8.77 10.13
N TYR B 74 26.20 8.67 11.10
CA TYR B 74 25.22 7.60 11.06
C TYR B 74 24.00 8.10 10.28
N VAL B 75 22.85 7.47 10.46
CA VAL B 75 21.74 7.61 9.54
C VAL B 75 21.17 9.01 9.58
N GLU B 76 20.94 9.58 8.40
CA GLU B 76 20.23 10.83 8.25
C GLU B 76 18.95 10.52 7.47
N ASP B 77 18.02 11.45 7.52
CA ASP B 77 16.84 11.30 6.69
C ASP B 77 17.20 11.61 5.23
N ASP B 78 16.22 11.40 4.35
CA ASP B 78 16.43 11.64 2.93
C ASP B 78 16.87 13.07 2.65
N ASP B 79 16.23 14.05 3.29
CA ASP B 79 16.54 15.44 3.07
C ASP B 79 17.80 15.90 3.79
N SER B 80 18.46 15.03 4.54
CA SER B 80 19.65 15.42 5.28
C SER B 80 19.35 16.59 6.23
N GLN B 81 18.19 16.57 6.87
N GLN B 81 18.18 16.57 6.85
CA GLN B 81 17.85 17.59 7.85
CA GLN B 81 17.82 17.58 7.85
C GLN B 81 18.09 17.14 9.28
C GLN B 81 18.13 17.14 9.27
N PHE B 82 18.03 15.85 9.54
CA PHE B 82 18.22 15.26 10.87
C PHE B 82 19.17 14.09 10.78
N ARG B 83 19.95 13.90 11.85
CA ARG B 83 20.82 12.74 11.98
C ARG B 83 20.66 12.19 13.40
N PHE B 84 20.63 10.88 13.53
CA PHE B 84 20.53 10.28 14.86
C PHE B 84 21.74 10.67 15.69
N ASN B 85 21.51 10.89 16.99
CA ASN B 85 22.54 11.20 17.98
C ASN B 85 22.37 10.23 19.16
N TYR B 86 22.60 8.95 18.89
CA TYR B 86 22.45 7.91 19.89
C TYR B 86 23.38 8.20 21.05
N SER B 87 22.85 8.21 22.27
CA SER B 87 23.67 8.42 23.45
C SER B 87 24.49 7.17 23.77
N LYS B 88 25.57 7.38 24.53
CA LYS B 88 26.34 6.23 25.02
C LYS B 88 25.47 5.28 25.83
N GLU B 89 24.65 5.83 26.73
N GLU B 89 24.66 5.82 26.74
CA GLU B 89 23.79 4.99 27.55
CA GLU B 89 23.80 4.95 27.54
C GLU B 89 22.82 4.19 26.69
C GLU B 89 22.83 4.17 26.68
N PHE B 90 22.30 4.80 25.63
CA PHE B 90 21.44 4.06 24.71
C PHE B 90 22.23 2.93 24.04
N LEU B 91 23.43 3.25 23.53
CA LEU B 91 24.22 2.27 22.82
C LEU B 91 24.59 1.10 23.72
N ARG B 92 24.89 1.39 24.98
CA ARG B 92 25.18 0.32 25.92
C ARG B 92 23.96 -0.58 26.10
N TRP B 93 22.77 0.01 26.19
CA TRP B 93 21.57 -0.78 26.36
C TRP B 93 21.25 -1.57 25.10
N ALA B 94 21.44 -0.96 23.95
CA ALA B 94 21.08 -1.61 22.69
C ALA B 94 22.06 -2.71 22.29
N LEU B 95 23.28 -2.68 22.79
CA LEU B 95 24.33 -3.55 22.25
C LEU B 95 24.91 -4.51 23.26
N CYS B 96 24.93 -4.16 24.54
CA CYS B 96 25.46 -5.01 25.60
C CYS B 96 24.32 -5.82 26.21
N VAL B 97 23.73 -6.65 25.36
CA VAL B 97 22.53 -7.40 25.69
C VAL B 97 22.90 -8.77 26.23
N PRO B 98 22.00 -9.46 26.94
CA PRO B 98 22.33 -10.80 27.45
C PRO B 98 22.74 -11.73 26.31
N GLY B 99 23.83 -12.46 26.54
CA GLY B 99 24.36 -13.36 25.54
C GLY B 99 25.29 -12.73 24.55
N GLN B 100 25.52 -11.41 24.60
CA GLN B 100 26.32 -10.75 23.58
C GLN B 100 27.75 -11.28 23.58
N LYS B 101 28.38 -11.22 22.41
CA LYS B 101 29.77 -11.63 22.21
C LYS B 101 30.64 -10.39 22.04
N LYS B 102 31.81 -10.41 22.66
CA LYS B 102 32.74 -9.30 22.58
C LYS B 102 33.07 -8.95 21.14
N ASN B 103 33.29 -9.95 20.30
CA ASN B 103 33.74 -9.70 18.94
C ASN B 103 32.60 -9.44 17.96
N TRP B 104 31.36 -9.33 18.44
CA TRP B 104 30.27 -8.86 17.59
C TRP B 104 30.15 -7.34 17.57
N LEU B 105 31.06 -6.62 18.22
CA LEU B 105 31.10 -5.16 18.17
C LEU B 105 32.39 -4.80 17.43
N VAL B 106 32.26 -4.43 16.16
CA VAL B 106 33.37 -4.46 15.21
C VAL B 106 33.65 -3.05 14.70
N GLY B 107 34.86 -2.56 14.98
CA GLY B 107 35.28 -1.28 14.45
C GLY B 107 36.36 -1.38 13.39
N VAL B 108 36.51 -0.30 12.64
CA VAL B 108 37.62 -0.12 11.71
C VAL B 108 38.35 1.15 12.11
N ARG B 109 39.66 1.05 12.26
N ARG B 109 39.66 1.06 12.26
CA ARG B 109 40.51 2.15 12.66
CA ARG B 109 40.50 2.18 12.64
C ARG B 109 41.53 2.44 11.56
C ARG B 109 41.53 2.45 11.57
N VAL B 110 41.88 3.73 11.41
CA VAL B 110 42.98 4.13 10.54
C VAL B 110 44.26 4.06 11.36
N ASN B 111 45.27 3.33 10.86
CA ASN B 111 46.49 3.15 11.62
C ASN B 111 47.22 4.48 11.81
N GLU B 112 47.30 5.30 10.77
CA GLU B 112 48.07 6.53 10.84
C GLU B 112 47.52 7.46 11.91
N THR B 113 46.20 7.57 12.01
CA THR B 113 45.58 8.58 12.84
C THR B 113 44.91 8.02 14.08
N LYS B 114 44.73 6.70 14.15
CA LYS B 114 43.97 6.03 15.21
C LYS B 114 42.50 6.42 15.23
N LYS B 115 42.02 7.07 14.18
CA LYS B 115 40.63 7.47 14.13
C LYS B 115 39.75 6.29 13.73
N MET B 116 38.63 6.13 14.42
CA MET B 116 37.67 5.11 14.04
C MET B 116 36.84 5.63 12.87
N VAL B 117 36.78 4.83 11.79
CA VAL B 117 36.10 5.23 10.56
C VAL B 117 35.02 4.25 10.13
N GLY B 118 34.83 3.16 10.85
CA GLY B 118 33.80 2.19 10.49
C GLY B 118 33.34 1.43 11.70
N PHE B 119 32.09 0.99 11.64
CA PHE B 119 31.50 0.22 12.74
C PHE B 119 30.43 -0.67 12.15
N ILE B 120 30.27 -1.85 12.74
CA ILE B 120 29.13 -2.72 12.46
C ILE B 120 28.95 -3.56 13.70
N SER B 121 27.69 -3.87 14.04
CA SER B 121 27.42 -4.63 15.24
C SER B 121 26.37 -5.68 14.94
N ALA B 122 26.41 -6.74 15.74
CA ALA B 122 25.35 -7.72 15.79
C ALA B 122 25.00 -7.93 17.26
N ILE B 123 23.73 -8.21 17.51
CA ILE B 123 23.33 -8.68 18.83
C ILE B 123 22.64 -10.03 18.65
N PRO B 124 22.75 -10.92 19.62
CA PRO B 124 21.99 -12.18 19.55
C PRO B 124 20.57 -11.92 19.97
N ILE B 125 19.61 -12.53 19.26
CA ILE B 125 18.23 -12.57 19.72
C ILE B 125 17.65 -13.95 19.40
N LYS B 126 16.55 -14.28 20.05
CA LYS B 126 15.76 -15.47 19.74
C LYS B 126 14.53 -15.06 18.95
N VAL B 127 14.18 -15.82 17.90
CA VAL B 127 13.03 -15.49 17.07
C VAL B 127 12.24 -16.75 16.78
N ARG B 128 10.93 -16.56 16.59
CA ARG B 128 10.07 -17.54 15.95
C ARG B 128 9.84 -17.01 14.54
N ILE B 129 9.97 -17.87 13.55
CA ILE B 129 9.57 -17.56 12.17
C ILE B 129 8.59 -18.66 11.79
N HIS B 130 7.31 -18.34 11.78
CA HIS B 130 6.29 -19.34 11.47
C HIS B 130 6.44 -20.59 12.36
N ASN B 131 6.76 -21.73 11.77
CA ASN B 131 6.81 -22.99 12.53
C ASN B 131 8.20 -23.31 13.07
N CYS B 132 9.15 -22.39 12.94
N CYS B 132 9.14 -22.36 13.00
CA CYS B 132 10.52 -22.58 13.40
CA CYS B 132 10.51 -22.57 13.40
C CYS B 132 10.86 -21.58 14.49
C CYS B 132 10.91 -21.56 14.48
N ILE B 133 11.79 -21.98 15.37
CA ILE B 133 12.41 -21.08 16.34
C ILE B 133 13.91 -21.21 16.17
N MET B 134 14.63 -20.15 16.44
CA MET B 134 16.09 -20.21 16.32
C MET B 134 16.69 -19.07 17.09
N ASN B 135 17.92 -19.29 17.55
CA ASN B 135 18.82 -18.18 17.90
C ASN B 135 19.31 -17.57 16.60
N THR B 136 19.28 -16.25 16.51
CA THR B 136 19.77 -15.60 15.32
C THR B 136 20.48 -14.32 15.76
N SER B 137 20.68 -13.42 14.82
CA SER B 137 21.41 -12.18 15.04
C SER B 137 20.61 -11.04 14.44
N VAL B 138 20.89 -9.84 14.94
CA VAL B 138 20.39 -8.60 14.36
C VAL B 138 21.60 -7.72 14.07
N VAL B 139 21.77 -7.36 12.83
CA VAL B 139 22.86 -6.45 12.44
C VAL B 139 22.32 -5.03 12.42
N ASN B 140 23.06 -4.14 13.06
CA ASN B 140 22.63 -2.74 13.19
C ASN B 140 23.87 -1.87 13.30
N PHE B 141 23.66 -0.56 13.20
CA PHE B 141 24.71 0.45 13.42
C PHE B 141 25.87 0.33 12.44
N LEU B 142 25.60 -0.22 11.24
CA LEU B 142 26.58 -0.14 10.17
C LEU B 142 26.84 1.31 9.79
N CYS B 143 28.12 1.70 9.83
CA CYS B 143 28.47 3.09 9.64
C CYS B 143 29.87 3.19 9.06
N VAL B 144 30.00 3.93 7.96
CA VAL B 144 31.29 4.26 7.39
C VAL B 144 31.42 5.77 7.33
N HIS B 145 32.58 6.26 7.77
CA HIS B 145 32.88 7.69 7.73
C HIS B 145 32.57 8.27 6.35
N LYS B 146 31.99 9.48 6.35
CA LYS B 146 31.52 10.05 5.09
C LYS B 146 32.65 10.17 4.07
N LYS B 147 33.86 10.50 4.51
CA LYS B 147 34.97 10.63 3.59
C LYS B 147 35.45 9.30 3.02
N LEU B 148 34.93 8.17 3.48
CA LEU B 148 35.29 6.86 2.96
C LEU B 148 34.15 6.19 2.21
N ARG B 149 33.07 6.92 1.91
CA ARG B 149 31.90 6.32 1.30
C ARG B 149 32.13 6.03 -0.18
N SER B 150 31.37 5.07 -0.69
CA SER B 150 31.40 4.66 -2.09
C SER B 150 32.76 4.10 -2.49
N LYS B 151 33.46 3.47 -1.56
CA LYS B 151 34.71 2.77 -1.86
C LYS B 151 34.59 1.27 -1.68
N ARG B 152 33.37 0.76 -1.53
CA ARG B 152 33.10 -0.67 -1.37
C ARG B 152 33.61 -1.22 -0.03
N LEU B 153 33.67 -0.37 0.99
N LEU B 153 33.65 -0.36 0.99
CA LEU B 153 34.04 -0.84 2.32
CA LEU B 153 34.04 -0.82 2.31
C LEU B 153 32.88 -1.53 3.02
C LEU B 153 32.89 -1.50 3.04
N ALA B 154 31.65 -1.10 2.74
CA ALA B 154 30.52 -1.68 3.47
C ALA B 154 30.42 -3.18 3.28
N PRO B 155 30.62 -3.73 2.07
CA PRO B 155 30.58 -5.20 1.93
C PRO B 155 31.64 -5.90 2.75
N VAL B 156 32.82 -5.28 2.91
CA VAL B 156 33.86 -5.88 3.73
C VAL B 156 33.38 -5.99 5.17
N LEU B 157 32.77 -4.93 5.68
CA LEU B 157 32.22 -4.97 7.03
C LEU B 157 31.13 -6.01 7.16
N ILE B 158 30.27 -6.12 6.16
CA ILE B 158 29.18 -7.10 6.20
C ILE B 158 29.76 -8.52 6.18
N LYS B 159 30.71 -8.75 5.29
CA LYS B 159 31.32 -10.08 5.21
C LYS B 159 31.98 -10.43 6.53
N GLU B 160 32.62 -9.44 7.16
CA GLU B 160 33.35 -9.70 8.38
C GLU B 160 32.39 -10.01 9.53
N ILE B 161 31.31 -9.23 9.68
CA ILE B 161 30.38 -9.55 10.74
C ILE B 161 29.69 -10.88 10.45
N THR B 162 29.44 -11.19 9.18
CA THR B 162 28.88 -12.49 8.81
C THR B 162 29.78 -13.62 9.28
N ARG B 163 31.08 -13.50 9.05
CA ARG B 163 32.03 -14.51 9.46
C ARG B 163 31.98 -14.73 10.96
N ARG B 164 31.93 -13.62 11.72
CA ARG B 164 31.94 -13.69 13.17
C ARG B 164 30.66 -14.31 13.72
N ILE B 165 29.55 -14.08 13.06
CA ILE B 165 28.28 -14.66 13.48
C ILE B 165 28.25 -16.15 13.15
N ARG B 166 28.70 -16.53 11.96
CA ARG B 166 28.72 -17.94 11.59
C ARG B 166 29.65 -18.74 12.48
N CYS B 167 30.75 -18.13 12.93
CA CYS B 167 31.63 -18.82 13.86
C CYS B 167 30.96 -19.12 15.19
N GLU B 168 29.82 -18.50 15.49
CA GLU B 168 29.03 -18.83 16.68
C GLU B 168 27.89 -19.79 16.34
N LYS B 169 27.96 -20.41 15.16
CA LYS B 169 26.98 -21.39 14.68
C LYS B 169 25.61 -20.76 14.42
N ILE B 170 25.61 -19.51 14.00
CA ILE B 170 24.39 -18.79 13.64
C ILE B 170 24.49 -18.42 12.16
N PHE B 171 23.49 -18.79 11.38
CA PHE B 171 23.58 -18.62 9.94
C PHE B 171 22.49 -17.74 9.35
N GLN B 172 21.66 -17.12 10.19
CA GLN B 172 20.66 -16.18 9.74
C GLN B 172 20.88 -14.86 10.48
N SER B 173 20.32 -13.80 9.93
CA SER B 173 20.35 -12.49 10.59
C SER B 173 19.12 -11.73 10.15
N ILE B 174 18.73 -10.75 10.96
CA ILE B 174 17.66 -9.82 10.60
C ILE B 174 18.26 -8.42 10.57
N TYR B 175 17.85 -7.63 9.60
CA TYR B 175 18.35 -6.27 9.49
C TYR B 175 17.31 -5.44 8.77
N THR B 176 17.36 -4.14 9.00
CA THR B 176 16.44 -3.23 8.36
C THR B 176 17.25 -2.14 7.69
N CYS B 177 16.62 -1.52 6.69
N CYS B 177 16.64 -1.51 6.69
CA CYS B 177 17.25 -0.46 5.92
CA CYS B 177 17.28 -0.41 5.98
C CYS B 177 16.14 0.48 5.45
C CYS B 177 16.19 0.47 5.40
N GLY B 178 16.47 1.75 5.35
CA GLY B 178 15.52 2.73 4.85
C GLY B 178 15.41 2.76 3.35
N LYS B 179 16.10 1.86 2.66
CA LYS B 179 16.06 1.79 1.21
C LYS B 179 15.91 0.33 0.80
N ASN B 180 15.51 0.15 -0.45
CA ASN B 180 15.44 -1.19 -1.02
C ASN B 180 16.84 -1.65 -1.38
N ILE B 181 17.18 -2.86 -0.97
CA ILE B 181 18.47 -3.45 -1.34
C ILE B 181 18.16 -4.69 -2.18
N THR B 182 17.82 -5.77 -1.51
CA THR B 182 17.25 -6.97 -2.11
C THR B 182 15.73 -6.94 -1.82
N LYS B 183 15.07 -8.08 -1.92
CA LYS B 183 13.63 -8.11 -1.69
C LYS B 183 13.33 -8.15 -0.20
N PRO B 184 12.62 -7.17 0.36
CA PRO B 184 12.29 -7.20 1.80
C PRO B 184 11.09 -8.10 2.04
N PHE B 185 11.00 -8.65 3.24
CA PHE B 185 9.82 -9.49 3.52
C PHE B 185 8.66 -8.66 4.04
N THR B 186 8.93 -7.46 4.52
CA THR B 186 7.86 -6.53 4.81
C THR B 186 8.46 -5.15 4.74
N ILE B 187 7.58 -4.16 4.67
CA ILE B 187 7.98 -2.77 4.74
C ILE B 187 7.17 -2.13 5.84
N GLY B 188 7.86 -1.50 6.78
CA GLY B 188 7.23 -0.77 7.86
C GLY B 188 7.16 0.70 7.48
N THR B 189 6.04 1.31 7.82
CA THR B 189 5.82 2.72 7.58
C THR B 189 5.87 3.48 8.89
N TYR B 190 6.63 4.57 8.92
N TYR B 190 6.65 4.57 8.91
CA TYR B 190 6.73 5.38 10.12
CA TYR B 190 6.74 5.44 10.07
C TYR B 190 5.56 6.35 10.22
C TYR B 190 5.49 6.30 10.18
N TRP B 191 4.96 6.41 11.40
CA TRP B 191 3.91 7.35 11.76
C TRP B 191 4.37 8.14 12.98
N HIS B 192 4.03 9.43 13.01
CA HIS B 192 4.49 10.37 14.03
C HIS B 192 3.29 10.91 14.82
N ARG B 193 3.44 10.97 16.13
CA ARG B 193 2.51 11.68 16.99
C ARG B 193 3.27 12.88 17.54
N ILE B 194 2.82 14.08 17.15
CA ILE B 194 3.52 15.32 17.40
C ILE B 194 3.13 15.83 18.78
N ILE B 195 4.13 15.99 19.64
CA ILE B 195 3.91 16.47 21.00
C ILE B 195 4.21 17.98 21.06
N ASN B 196 5.44 18.35 20.71
CA ASN B 196 5.84 19.76 20.80
C ASN B 196 5.78 20.36 19.39
N VAL B 197 4.62 20.93 19.07
CA VAL B 197 4.36 21.37 17.71
C VAL B 197 5.32 22.48 17.28
N LYS B 198 5.41 23.54 18.09
CA LYS B 198 6.19 24.72 17.69
C LYS B 198 7.65 24.36 17.50
N LYS B 199 8.22 23.62 18.45
CA LYS B 199 9.61 23.19 18.33
C LYS B 199 9.84 22.43 17.03
N LEU B 200 8.94 21.49 16.72
CA LEU B 200 9.14 20.64 15.54
C LEU B 200 8.86 21.39 14.25
N LEU B 201 7.94 22.36 14.27
CA LEU B 201 7.82 23.27 13.14
C LEU B 201 9.10 24.05 12.93
N GLU B 202 9.68 24.59 14.01
CA GLU B 202 10.89 25.40 13.88
C GLU B 202 12.08 24.56 13.45
N ALA B 203 12.10 23.29 13.82
CA ALA B 203 13.17 22.40 13.39
C ALA B 203 12.97 21.86 11.99
N GLY B 204 11.82 22.14 11.36
CA GLY B 204 11.54 21.58 10.05
C GLY B 204 11.06 20.15 10.05
N PHE B 205 10.74 19.58 11.21
CA PHE B 205 10.29 18.21 11.26
C PHE B 205 8.86 18.07 10.75
N ILE B 206 8.06 19.10 10.95
CA ILE B 206 6.71 19.13 10.39
C ILE B 206 6.55 20.45 9.67
N GLY B 207 5.54 20.50 8.82
CA GLY B 207 5.16 21.70 8.15
C GLY B 207 3.73 22.07 8.57
N ILE B 208 3.35 23.27 8.24
CA ILE B 208 1.98 23.73 8.46
C ILE B 208 1.27 23.73 7.10
N PRO B 209 0.07 23.16 7.00
N PRO B 209 0.12 23.08 6.98
CA PRO B 209 -0.68 23.24 5.74
CA PRO B 209 -0.56 23.03 5.68
C PRO B 209 -1.05 24.67 5.35
C PRO B 209 -1.08 24.40 5.29
N ARG B 210 -1.34 24.84 4.06
N ARG B 210 -1.20 24.59 3.97
CA ARG B 210 -1.65 26.17 3.54
CA ARG B 210 -1.98 25.72 3.49
C ARG B 210 -2.91 26.75 4.16
C ARG B 210 -3.37 25.67 4.11
N ASN B 211 -3.95 25.93 4.36
N ASN B 211 -3.96 26.85 4.32
CA ASN B 211 -5.23 26.43 4.81
CA ASN B 211 -5.33 26.96 4.80
C ASN B 211 -5.47 26.12 6.29
C ASN B 211 -5.50 26.40 6.21
N MET B 212 -4.43 26.27 7.11
N MET B 212 -4.46 26.51 7.03
CA MET B 212 -4.51 26.02 8.53
CA MET B 212 -4.53 26.11 8.44
C MET B 212 -3.76 27.12 9.26
C MET B 212 -3.75 27.15 9.24
N THR B 213 -4.37 27.66 10.30
CA THR B 213 -3.65 28.59 11.15
C THR B 213 -2.74 27.85 12.12
N MET B 214 -1.79 28.59 12.68
CA MET B 214 -0.92 28.03 13.70
C MET B 214 -1.72 27.47 14.88
N SER B 215 -2.69 28.24 15.39
N SER B 215 -2.69 28.24 15.38
CA SER B 215 -3.43 27.73 16.54
CA SER B 215 -3.47 27.76 16.52
C SER B 215 -4.19 26.45 16.18
C SER B 215 -4.19 26.46 16.18
N SER B 216 -4.66 26.33 14.94
CA SER B 216 -5.33 25.09 14.53
C SER B 216 -4.36 23.93 14.47
N LEU B 217 -3.12 24.16 14.00
CA LEU B 217 -2.15 23.08 13.98
C LEU B 217 -1.84 22.61 15.40
N ILE B 218 -1.67 23.57 16.31
CA ILE B 218 -1.36 23.22 17.68
C ILE B 218 -2.51 22.43 18.29
N LYS B 219 -3.74 22.84 18.01
CA LYS B 219 -4.89 22.16 18.58
C LYS B 219 -5.05 20.76 17.98
N TYR B 220 -4.81 20.62 16.68
CA TYR B 220 -4.91 19.32 16.03
C TYR B 220 -4.10 18.27 16.77
N HIS B 221 -2.89 18.62 17.15
CA HIS B 221 -1.93 17.65 17.71
C HIS B 221 -1.97 17.57 19.23
N ARG B 222 -2.82 18.36 19.88
N ARG B 222 -2.84 18.35 19.88
CA ARG B 222 -2.84 18.40 21.33
CA ARG B 222 -2.86 18.41 21.33
C ARG B 222 -3.07 17.00 21.90
C ARG B 222 -3.14 17.03 21.93
N ILE B 223 -2.49 16.74 23.06
CA ILE B 223 -2.65 15.48 23.76
C ILE B 223 -3.78 15.68 24.79
N PRO B 224 -4.93 15.04 24.64
CA PRO B 224 -5.96 15.14 25.68
C PRO B 224 -5.59 14.25 26.86
N ALA B 225 -5.49 14.85 28.03
CA ALA B 225 -5.30 14.12 29.28
C ALA B 225 -6.56 14.19 30.14
N ASP B 226 -7.73 14.01 29.51
CA ASP B 226 -9.01 14.08 30.19
C ASP B 226 -9.58 12.72 30.54
N LYS B 227 -9.31 11.69 29.73
CA LYS B 227 -9.86 10.36 29.97
C LYS B 227 -8.75 9.37 30.32
N ARG B 228 -8.05 9.60 31.43
CA ARG B 228 -6.97 8.74 31.83
C ARG B 228 -7.50 7.37 32.27
N ILE B 229 -6.68 6.35 32.07
CA ILE B 229 -6.95 5.02 32.63
C ILE B 229 -5.94 4.77 33.74
N GLU B 230 -6.39 4.16 34.82
CA GLU B 230 -5.59 4.02 36.03
C GLU B 230 -4.83 2.69 36.03
N GLY B 231 -3.83 2.61 36.91
CA GLY B 231 -3.14 1.38 37.17
C GLY B 231 -1.77 1.21 36.56
N PHE B 232 -1.33 2.12 35.71
CA PHE B 232 -0.02 1.94 35.07
C PHE B 232 1.09 2.50 35.96
N ARG B 233 2.16 1.73 36.11
CA ARG B 233 3.30 2.13 36.92
C ARG B 233 4.56 1.72 36.19
N PRO B 234 5.69 2.37 36.46
CA PRO B 234 6.96 1.90 35.88
C PRO B 234 7.26 0.45 36.26
N SER B 235 7.76 -0.32 35.29
CA SER B 235 8.23 -1.66 35.61
C SER B 235 9.46 -1.60 36.53
N VAL B 236 9.62 -2.65 37.33
CA VAL B 236 10.77 -2.84 38.18
C VAL B 236 11.38 -4.20 37.86
N ASP B 237 12.63 -4.39 38.29
CA ASP B 237 13.34 -5.63 37.97
C ASP B 237 12.55 -6.87 38.38
N SER B 238 11.81 -6.80 39.47
CA SER B 238 11.07 -7.95 39.98
C SER B 238 9.81 -8.27 39.19
N ASP B 239 9.43 -7.42 38.24
CA ASP B 239 8.33 -7.75 37.36
C ASP B 239 8.70 -8.74 36.27
N ALA B 240 9.96 -9.15 36.17
CA ALA B 240 10.42 -9.75 34.91
C ALA B 240 9.71 -11.07 34.62
N GLU B 241 9.52 -11.91 35.63
CA GLU B 241 8.78 -13.15 35.41
C GLU B 241 7.38 -12.88 34.87
N GLN B 242 6.65 -11.96 35.50
CA GLN B 242 5.28 -11.69 35.04
C GLN B 242 5.27 -11.08 33.65
N ILE B 243 6.24 -10.22 33.35
CA ILE B 243 6.32 -9.65 32.01
C ILE B 243 6.62 -10.75 31.01
N CYS B 244 7.55 -11.61 31.35
CA CYS B 244 7.87 -12.73 30.46
C CYS B 244 6.62 -13.51 30.09
N LYS B 245 5.77 -13.79 31.08
CA LYS B 245 4.55 -14.55 30.81
C LYS B 245 3.56 -13.74 30.00
N LEU B 246 3.53 -12.42 30.23
CA LEU B 246 2.67 -11.55 29.44
C LEU B 246 2.98 -11.67 27.96
N PHE B 247 4.28 -11.65 27.63
CA PHE B 247 4.72 -11.78 26.24
C PHE B 247 4.42 -13.16 25.67
N GLU B 248 4.67 -14.22 26.45
CA GLU B 248 4.34 -15.57 25.99
C GLU B 248 2.88 -15.67 25.61
N ASN B 249 1.99 -15.19 26.49
N ASN B 249 2.00 -15.18 26.48
CA ASN B 249 0.57 -15.23 26.21
CA ASN B 249 0.56 -15.25 26.19
C ASN B 249 0.24 -14.41 24.96
C ASN B 249 0.22 -14.40 24.97
N TYR B 250 0.89 -13.25 24.82
CA TYR B 250 0.62 -12.37 23.69
C TYR B 250 0.95 -13.08 22.38
N PHE B 251 2.13 -13.68 22.29
CA PHE B 251 2.54 -14.34 21.06
C PHE B 251 1.72 -15.61 20.81
N MET B 252 1.31 -16.29 21.86
CA MET B 252 0.38 -17.41 21.70
C MET B 252 -0.96 -16.94 21.15
N LYS B 253 -1.42 -15.78 21.61
CA LYS B 253 -2.69 -15.24 21.14
C LYS B 253 -2.65 -14.97 19.65
N TYR B 254 -1.56 -14.39 19.15
CA TYR B 254 -1.47 -13.92 17.79
C TYR B 254 -0.68 -14.84 16.87
N LYS B 255 -0.38 -16.07 17.29
CA LYS B 255 0.44 -16.94 16.46
C LYS B 255 -0.24 -17.26 15.13
N ASP B 256 0.58 -17.47 14.10
CA ASP B 256 0.11 -17.76 12.76
C ASP B 256 0.12 -19.25 12.44
N VAL B 257 0.37 -20.09 13.42
CA VAL B 257 0.40 -21.53 13.22
C VAL B 257 -0.61 -22.15 14.18
N SER B 258 -0.87 -23.43 13.98
CA SER B 258 -1.86 -24.13 14.80
C SER B 258 -1.36 -24.32 16.23
N ASN B 259 -2.31 -24.59 17.14
CA ASN B 259 -1.92 -24.91 18.51
C ASN B 259 -0.93 -26.07 18.53
N GLU B 260 -1.16 -27.07 17.68
N GLU B 260 -1.17 -27.08 17.68
CA GLU B 260 -0.28 -28.24 17.65
CA GLU B 260 -0.28 -28.24 17.66
C GLU B 260 1.12 -27.87 17.19
C GLU B 260 1.13 -27.84 17.22
N THR B 261 1.22 -27.04 16.15
CA THR B 261 2.54 -26.62 15.67
C THR B 261 3.25 -25.76 16.69
N MET B 262 2.53 -24.85 17.33
CA MET B 262 3.17 -23.94 18.29
C MET B 262 3.80 -24.73 19.43
N ASN B 263 3.22 -25.87 19.77
CA ASN B 263 3.75 -26.73 20.84
C ASN B 263 4.77 -27.72 20.32
N ASN B 264 5.12 -27.64 19.04
CA ASN B 264 6.08 -28.55 18.42
C ASN B 264 6.92 -27.80 17.39
N LEU B 265 7.36 -26.59 17.75
CA LEU B 265 8.14 -25.77 16.84
C LEU B 265 9.44 -26.47 16.47
N ILE B 266 9.90 -26.23 15.25
CA ILE B 266 11.16 -26.82 14.78
C ILE B 266 12.29 -25.95 15.29
N ASN B 267 13.17 -26.51 16.09
CA ASN B 267 14.31 -25.78 16.64
C ASN B 267 15.45 -25.84 15.62
N TYR B 268 15.69 -24.74 14.92
CA TYR B 268 16.69 -24.77 13.86
C TYR B 268 18.11 -24.91 14.42
N ASP B 269 18.35 -24.42 15.64
CA ASP B 269 19.67 -24.55 16.27
C ASP B 269 20.13 -26.00 16.34
N GLU B 270 19.19 -26.93 16.43
CA GLU B 270 19.55 -28.33 16.62
C GLU B 270 19.77 -29.08 15.32
N ILE B 271 19.39 -28.51 14.18
CA ILE B 271 19.44 -29.21 12.90
C ILE B 271 20.20 -28.44 11.83
N ASN B 272 20.73 -27.26 12.14
CA ASN B 272 21.41 -26.44 11.14
C ASN B 272 22.83 -26.92 10.87
N HIS B 273 23.28 -27.96 11.58
CA HIS B 273 24.60 -28.52 11.36
C HIS B 273 24.61 -29.54 10.23
N SER B 274 23.47 -29.78 9.59
CA SER B 274 23.36 -30.88 8.63
C SER B 274 22.42 -30.50 7.49
N LYS B 275 22.88 -30.67 6.26
CA LYS B 275 22.01 -30.40 5.13
C LYS B 275 20.77 -31.31 5.17
N GLU B 276 20.92 -32.56 5.60
CA GLU B 276 19.78 -33.46 5.64
C GLU B 276 18.75 -33.02 6.68
N LEU B 277 19.14 -32.97 7.95
CA LEU B 277 18.22 -32.58 9.01
C LEU B 277 17.64 -31.19 8.81
N GLY B 278 18.47 -30.23 8.41
CA GLY B 278 18.00 -28.86 8.24
C GLY B 278 16.86 -28.73 7.25
N LYS B 279 16.69 -29.72 6.36
CA LYS B 279 15.56 -29.70 5.46
C LYS B 279 14.22 -29.74 6.18
N GLN B 280 14.20 -30.17 7.44
CA GLN B 280 12.94 -30.20 8.17
C GLN B 280 12.37 -28.81 8.38
N ALA B 281 13.17 -27.75 8.22
CA ALA B 281 12.71 -26.40 8.43
C ALA B 281 11.92 -25.83 7.25
N TYR B 282 11.84 -26.54 6.14
CA TYR B 282 11.10 -26.05 4.98
C TYR B 282 9.62 -26.28 5.17
N MET B 283 8.82 -25.28 4.82
CA MET B 283 7.37 -25.35 5.03
C MET B 283 6.68 -24.61 3.91
N LYS B 284 5.76 -25.29 3.23
CA LYS B 284 4.90 -24.63 2.26
C LYS B 284 3.75 -23.92 2.98
N LEU B 285 3.17 -22.94 2.30
CA LEU B 285 2.03 -22.20 2.81
C LEU B 285 0.87 -22.40 1.84
N ASP B 286 -0.26 -22.86 2.35
CA ASP B 286 -1.42 -23.06 1.49
C ASP B 286 -1.81 -21.76 0.80
N LYS B 287 -1.94 -20.68 1.56
CA LYS B 287 -2.30 -19.39 1.01
C LYS B 287 -1.91 -18.30 1.98
N ILE B 288 -1.49 -17.16 1.44
CA ILE B 288 -1.04 -16.05 2.28
C ILE B 288 -2.13 -15.56 3.21
N GLU B 289 -3.40 -15.78 2.85
CA GLU B 289 -4.49 -15.37 3.72
C GLU B 289 -4.50 -16.14 5.04
N ASP B 290 -3.87 -17.31 5.10
CA ASP B 290 -3.77 -18.01 6.37
C ASP B 290 -3.11 -17.16 7.44
N LEU B 291 -2.25 -16.22 7.04
CA LEU B 291 -1.48 -15.40 7.98
C LEU B 291 -2.18 -14.10 8.37
N GLN B 292 -3.37 -13.85 7.86
CA GLN B 292 -3.98 -12.54 8.04
C GLN B 292 -4.20 -12.24 9.52
N ASP B 293 -3.75 -11.06 9.95
CA ASP B 293 -3.98 -10.53 11.28
C ASP B 293 -3.26 -11.32 12.36
N LYS B 294 -2.32 -12.18 12.00
N LYS B 294 -2.33 -12.20 12.00
CA LYS B 294 -1.51 -12.93 12.96
CA LYS B 294 -1.51 -12.95 12.94
C LYS B 294 -0.06 -12.49 12.87
C LYS B 294 -0.08 -12.42 12.91
N ILE B 295 0.71 -12.89 13.86
CA ILE B 295 2.16 -12.59 13.88
C ILE B 295 2.90 -13.80 13.36
N THR B 296 3.74 -13.57 12.36
CA THR B 296 4.51 -14.64 11.71
C THR B 296 5.95 -14.71 12.18
N ILE B 297 6.59 -13.57 12.45
CA ILE B 297 7.97 -13.52 12.89
C ILE B 297 8.08 -12.55 14.04
N HIS B 298 8.72 -12.98 15.11
CA HIS B 298 8.85 -12.10 16.26
C HIS B 298 10.02 -12.54 17.11
N GLN B 299 10.50 -11.59 17.88
CA GLN B 299 11.46 -11.89 18.94
C GLN B 299 10.79 -12.63 20.09
N CYS B 300 11.55 -13.52 20.70
CA CYS B 300 11.16 -14.25 21.90
C CYS B 300 12.06 -13.83 23.06
N PHE B 301 11.46 -13.59 24.21
CA PHE B 301 12.15 -13.08 25.39
C PHE B 301 12.09 -14.09 26.52
N ASN B 302 13.25 -14.45 27.09
CA ASN B 302 13.28 -15.14 28.36
C ASN B 302 13.35 -14.11 29.49
N VAL B 303 13.37 -14.57 30.74
CA VAL B 303 13.30 -13.63 31.85
C VAL B 303 14.52 -12.72 31.87
N GLU B 304 15.69 -13.25 31.51
N GLU B 304 15.69 -13.26 31.50
CA GLU B 304 16.88 -12.42 31.47
CA GLU B 304 16.89 -12.44 31.48
C GLU B 304 16.76 -11.35 30.40
C GLU B 304 16.78 -11.35 30.40
N ASP B 305 16.19 -11.68 29.25
CA ASP B 305 16.01 -10.69 28.22
C ASP B 305 15.01 -9.63 28.67
N VAL B 306 13.93 -10.06 29.34
CA VAL B 306 12.91 -9.11 29.79
C VAL B 306 13.52 -8.12 30.76
N LYS B 307 14.37 -8.61 31.66
N LYS B 307 14.38 -8.62 31.65
CA LYS B 307 15.04 -7.75 32.63
CA LYS B 307 15.03 -7.75 32.63
C LYS B 307 15.85 -6.66 31.94
C LYS B 307 15.87 -6.67 31.96
N HIS B 308 16.54 -7.03 30.86
CA HIS B 308 17.39 -6.07 30.16
C HIS B 308 16.58 -5.08 29.33
N TYR B 309 15.61 -5.57 28.56
CA TYR B 309 14.94 -4.76 27.57
C TYR B 309 13.80 -3.96 28.16
N PHE B 310 12.98 -4.53 29.05
CA PHE B 310 11.72 -3.91 29.46
C PHE B 310 11.87 -3.25 30.82
N THR B 311 12.81 -2.34 30.82
CA THR B 311 13.28 -1.69 32.02
C THR B 311 13.05 -0.18 31.86
N ASN B 312 13.62 0.59 32.78
CA ASN B 312 13.50 2.02 32.76
C ASN B 312 14.86 2.64 32.98
N ILE B 313 15.40 3.24 31.93
CA ILE B 313 16.68 3.92 31.95
C ILE B 313 16.43 5.32 31.44
N ASP B 314 16.77 6.32 32.25
CA ASP B 314 16.53 7.70 31.91
C ASP B 314 17.01 8.03 30.51
N LYS B 315 16.10 8.63 29.73
CA LYS B 315 16.41 9.11 28.39
C LYS B 315 16.80 7.99 27.46
N VAL B 316 16.41 6.74 27.77
CA VAL B 316 16.75 5.62 26.91
C VAL B 316 15.55 4.72 26.67
N ILE B 317 14.97 4.17 27.74
CA ILE B 317 13.90 3.19 27.63
C ILE B 317 12.93 3.41 28.78
N VAL B 318 11.65 3.31 28.46
CA VAL B 318 10.57 3.53 29.41
C VAL B 318 9.61 2.35 29.26
N THR B 319 9.30 1.69 30.38
CA THR B 319 8.40 0.54 30.39
C THR B 319 7.44 0.71 31.55
N TYR B 320 6.15 0.70 31.24
CA TYR B 320 5.11 0.72 32.24
C TYR B 320 4.25 -0.53 32.14
N VAL B 321 3.73 -0.95 33.28
CA VAL B 321 2.86 -2.11 33.37
C VAL B 321 1.63 -1.74 34.16
N ARG B 322 0.54 -2.45 33.86
CA ARG B 322 -0.70 -2.39 34.60
C ARG B 322 -0.91 -3.73 35.30
N GLU B 323 -1.37 -3.67 36.54
CA GLU B 323 -1.60 -4.89 37.31
C GLU B 323 -3.02 -4.89 37.86
N ASN B 324 -3.63 -6.06 37.91
CA ASN B 324 -5.00 -6.19 38.40
C ASN B 324 -4.99 -6.22 39.92
N LYS B 325 -6.14 -6.55 40.52
CA LYS B 325 -6.23 -6.59 41.99
C LYS B 325 -5.29 -7.65 42.57
N ASN B 326 -5.16 -8.78 41.88
CA ASN B 326 -4.24 -9.86 42.25
C ASN B 326 -2.76 -9.48 42.07
N LYS B 327 -2.41 -8.24 41.74
CA LYS B 327 -1.04 -7.84 41.45
C LYS B 327 -0.44 -8.64 40.29
N GLU B 328 -1.30 -9.18 39.44
CA GLU B 328 -0.87 -9.85 38.21
C GLU B 328 -0.77 -8.81 37.09
N ILE B 329 0.30 -8.87 36.32
CA ILE B 329 0.52 -7.88 35.28
C ILE B 329 -0.36 -8.22 34.09
N THR B 330 -1.16 -7.26 33.65
CA THR B 330 -2.13 -7.49 32.59
C THR B 330 -1.88 -6.68 31.34
N ASP B 331 -1.08 -5.63 31.40
CA ASP B 331 -0.80 -4.76 30.27
C ASP B 331 0.60 -4.23 30.38
N LEU B 332 1.16 -3.83 29.23
CA LEU B 332 2.50 -3.25 29.19
C LEU B 332 2.61 -2.30 28.02
N PHE B 333 3.21 -1.14 28.27
CA PHE B 333 3.67 -0.29 27.18
C PHE B 333 5.14 0.04 27.38
N SER B 334 5.83 0.26 26.27
CA SER B 334 7.24 0.60 26.31
C SER B 334 7.63 1.38 25.06
N PHE B 335 8.62 2.25 25.22
CA PHE B 335 9.17 3.00 24.11
C PHE B 335 10.60 3.38 24.47
N PHE B 336 11.43 3.45 23.46
CA PHE B 336 12.78 3.94 23.67
C PHE B 336 12.90 5.34 23.10
N ILE B 337 14.00 6.00 23.47
CA ILE B 337 14.18 7.43 23.26
C ILE B 337 15.50 7.65 22.57
N ILE B 338 15.47 8.36 21.44
CA ILE B 338 16.68 8.72 20.71
C ILE B 338 16.66 10.20 20.37
N GLU B 339 17.73 10.89 20.73
CA GLU B 339 17.95 12.28 20.33
C GLU B 339 18.41 12.31 18.87
N SER B 340 17.93 13.30 18.14
CA SER B 340 18.39 13.54 16.78
C SER B 340 18.99 14.93 16.66
N THR B 341 20.06 15.04 15.87
CA THR B 341 20.67 16.32 15.54
C THR B 341 19.86 16.98 14.44
N VAL B 342 19.50 18.24 14.65
CA VAL B 342 18.92 19.09 13.60
C VAL B 342 20.10 19.70 12.86
N ILE B 343 20.42 19.13 11.69
CA ILE B 343 21.65 19.50 11.02
C ILE B 343 21.64 20.99 10.68
N ASN B 344 22.71 21.69 11.07
CA ASN B 344 22.93 23.10 10.74
C ASN B 344 21.77 23.99 11.19
N ASN B 345 21.15 23.67 12.31
CA ASN B 345 20.16 24.52 12.94
C ASN B 345 20.72 25.01 14.27
N GLU B 346 21.03 26.30 14.35
CA GLU B 346 21.64 26.86 15.55
C GLU B 346 20.62 27.10 16.66
N ARG B 347 19.37 27.43 16.29
CA ARG B 347 18.37 27.77 17.30
C ARG B 347 17.88 26.51 18.04
N PHE B 348 17.44 25.51 17.30
CA PHE B 348 17.01 24.22 17.86
C PHE B 348 17.97 23.17 17.33
N PRO B 349 19.03 22.83 18.08
CA PRO B 349 20.05 21.93 17.53
C PRO B 349 19.72 20.46 17.67
N THR B 350 18.80 20.08 18.56
N THR B 350 18.78 20.09 18.53
CA THR B 350 18.47 18.68 18.74
CA THR B 350 18.47 18.70 18.83
C THR B 350 16.97 18.52 18.98
C THR B 350 16.96 18.54 18.97
N ILE B 351 16.47 17.31 18.72
CA ILE B 351 15.10 16.94 19.03
C ILE B 351 15.12 15.56 19.67
N ASN B 352 14.19 15.32 20.60
CA ASN B 352 14.11 14.08 21.35
C ASN B 352 12.87 13.33 20.92
N ILE B 353 13.06 12.13 20.39
N ILE B 353 13.05 12.12 20.41
CA ILE B 353 11.97 11.34 19.82
CA ILE B 353 11.97 11.35 19.82
C ILE B 353 11.82 10.05 20.59
C ILE B 353 11.83 10.03 20.57
N ALA B 354 10.58 9.70 20.92
CA ALA B 354 10.22 8.42 21.49
C ALA B 354 9.78 7.50 20.38
N TYR B 355 10.20 6.24 20.47
CA TYR B 355 9.90 5.22 19.47
C TYR B 355 9.17 4.07 20.16
N SER B 356 8.00 3.74 19.64
CA SER B 356 7.24 2.63 20.19
C SER B 356 8.07 1.37 20.15
N TYR B 357 8.03 0.60 21.24
CA TYR B 357 8.83 -0.62 21.33
C TYR B 357 7.85 -1.79 21.27
N PHE B 358 7.51 -2.43 22.39
CA PHE B 358 6.50 -3.48 22.44
C PHE B 358 5.38 -3.09 23.39
N ASN B 359 4.16 -3.37 22.97
CA ASN B 359 2.97 -2.93 23.68
C ASN B 359 1.93 -4.05 23.68
N ILE B 360 1.40 -4.35 24.86
CA ILE B 360 0.41 -5.41 25.02
C ILE B 360 -0.73 -4.82 25.81
N ALA B 361 -1.92 -4.84 25.21
CA ALA B 361 -3.15 -4.35 25.82
C ALA B 361 -4.12 -5.52 25.96
N ASN B 362 -4.41 -5.90 27.20
CA ASN B 362 -5.40 -6.92 27.51
C ASN B 362 -6.62 -6.36 28.23
N THR B 363 -6.45 -5.34 29.08
CA THR B 363 -7.56 -4.83 29.88
C THR B 363 -7.99 -3.44 29.44
N CYS B 364 -7.41 -2.93 28.36
CA CYS B 364 -7.80 -1.65 27.80
C CYS B 364 -7.60 -1.76 26.29
N SER B 365 -8.21 -0.84 25.56
CA SER B 365 -7.97 -0.81 24.13
C SER B 365 -6.52 -0.40 23.86
N LEU B 366 -6.02 -0.76 22.67
CA LEU B 366 -4.69 -0.32 22.29
C LEU B 366 -4.64 1.21 22.19
N LYS B 367 -5.74 1.85 21.79
CA LYS B 367 -5.74 3.31 21.76
C LYS B 367 -5.60 3.88 23.16
N GLU B 368 -6.30 3.30 24.14
CA GLU B 368 -6.15 3.77 25.51
C GLU B 368 -4.74 3.56 26.00
N LEU B 369 -4.16 2.39 25.71
N LEU B 369 -4.15 2.40 25.71
CA LEU B 369 -2.78 2.13 26.10
CA LEU B 369 -2.78 2.14 26.11
C LEU B 369 -1.83 3.14 25.48
C LEU B 369 -1.83 3.16 25.48
N PHE B 370 -1.99 3.41 24.17
CA PHE B 370 -1.11 4.36 23.52
C PHE B 370 -1.32 5.77 24.05
N ASN B 371 -2.54 6.10 24.47
CA ASN B 371 -2.77 7.42 25.02
C ASN B 371 -1.99 7.61 26.32
N GLU B 372 -2.02 6.60 27.20
CA GLU B 372 -1.21 6.69 28.42
C GLU B 372 0.26 6.75 28.08
N MET B 373 0.69 5.97 27.07
CA MET B 373 2.09 6.00 26.68
C MET B 373 2.48 7.38 26.15
N LEU B 374 1.62 7.98 25.33
CA LEU B 374 1.91 9.30 24.78
C LEU B 374 2.10 10.32 25.88
N ILE B 375 1.22 10.31 26.86
CA ILE B 375 1.34 11.25 27.98
C ILE B 375 2.65 11.01 28.71
N THR B 376 3.03 9.75 28.85
CA THR B 376 4.29 9.42 29.51
C THR B 376 5.49 9.90 28.68
N ALA B 377 5.42 9.78 27.36
CA ALA B 377 6.51 10.29 26.53
C ALA B 377 6.60 11.81 26.65
N LYS B 378 5.44 12.48 26.66
CA LYS B 378 5.43 13.92 26.89
C LYS B 378 6.11 14.27 28.21
N ASN B 379 5.77 13.53 29.27
CA ASN B 379 6.39 13.76 30.58
C ASN B 379 7.87 13.40 30.61
N ASN B 380 8.36 12.63 29.64
CA ASN B 380 9.77 12.34 29.50
C ASN B 380 10.47 13.26 28.52
N ASN B 381 9.85 14.41 28.21
CA ASN B 381 10.45 15.46 27.41
C ASN B 381 10.69 15.03 25.96
N CYS B 382 9.85 14.15 25.43
CA CYS B 382 9.94 13.81 24.01
C CYS B 382 9.11 14.80 23.21
N ASP B 383 9.64 15.21 22.05
CA ASP B 383 8.96 16.16 21.18
C ASP B 383 7.99 15.49 20.23
N ALA B 384 8.19 14.21 19.96
CA ALA B 384 7.31 13.44 19.11
C ALA B 384 7.44 11.99 19.52
N PHE B 385 6.44 11.22 19.12
CA PHE B 385 6.34 9.80 19.39
C PHE B 385 6.20 9.10 18.06
N ASN B 386 7.14 8.23 17.75
CA ASN B 386 7.21 7.55 16.46
C ASN B 386 6.77 6.11 16.62
N THR B 387 5.95 5.64 15.68
N THR B 387 5.96 5.64 15.66
CA THR B 387 5.55 4.24 15.71
CA THR B 387 5.41 4.30 15.65
C THR B 387 5.45 3.71 14.30
C THR B 387 5.51 3.73 14.25
N LEU B 388 5.87 2.46 14.15
CA LEU B 388 5.75 1.74 12.91
C LEU B 388 4.38 1.09 12.89
N ASP B 389 3.91 0.74 11.70
CA ASP B 389 2.67 -0.02 11.58
C ASP B 389 2.90 -1.54 11.74
N LEU B 390 3.78 -1.93 12.65
CA LEU B 390 3.98 -3.35 12.95
C LEU B 390 2.96 -3.84 13.97
N MET B 391 2.88 -5.16 14.11
CA MET B 391 1.94 -5.82 15.04
C MET B 391 0.56 -5.20 14.85
N GLN B 392 -0.11 -4.77 15.93
CA GLN B 392 -1.46 -4.25 15.85
C GLN B 392 -1.51 -2.73 15.91
N ASN B 393 -0.41 -2.07 15.55
CA ASN B 393 -0.31 -0.63 15.74
C ASN B 393 -1.22 0.14 14.80
N LEU B 394 -1.62 -0.47 13.68
CA LEU B 394 -2.55 0.22 12.79
C LEU B 394 -3.87 0.50 13.51
N GLN B 395 -4.19 -0.29 14.53
CA GLN B 395 -5.38 -0.02 15.33
C GLN B 395 -5.29 1.32 16.03
N VAL B 396 -4.09 1.79 16.33
CA VAL B 396 -3.95 3.09 16.97
C VAL B 396 -3.78 4.20 15.95
N ILE B 397 -3.15 3.89 14.82
CA ILE B 397 -2.90 4.90 13.81
C ILE B 397 -4.20 5.31 13.13
N GLN B 398 -5.08 4.35 12.86
N GLN B 398 -5.08 4.35 12.86
CA GLN B 398 -6.32 4.65 12.16
CA GLN B 398 -6.34 4.64 12.20
C GLN B 398 -7.18 5.62 12.97
C GLN B 398 -7.17 5.64 12.98
N ASP B 399 -7.81 6.57 12.26
CA ASP B 399 -8.69 7.57 12.85
C ASP B 399 -8.09 8.19 14.11
N SER B 400 -6.90 8.75 13.94
CA SER B 400 -6.12 9.25 15.06
C SER B 400 -5.40 10.51 14.61
N LYS B 401 -4.65 11.13 15.54
CA LYS B 401 -3.86 12.30 15.23
C LYS B 401 -2.46 11.97 14.75
N PHE B 402 -2.10 10.69 14.66
CA PHE B 402 -0.82 10.35 14.05
C PHE B 402 -0.81 10.89 12.62
N ILE B 403 0.37 11.35 12.17
CA ILE B 403 0.53 11.74 10.78
C ILE B 403 1.66 10.91 10.17
N ILE B 404 1.59 10.75 8.86
CA ILE B 404 2.54 9.88 8.18
C ILE B 404 3.93 10.48 8.25
N GLY B 405 4.93 9.61 8.46
CA GLY B 405 6.32 10.02 8.40
C GLY B 405 6.81 10.04 6.97
N THR B 406 8.11 10.30 6.84
N THR B 406 8.13 10.19 6.83
CA THR B 406 8.82 10.22 5.59
CA THR B 406 8.71 10.40 5.49
C THR B 406 9.56 8.90 5.54
C THR B 406 8.99 9.09 4.76
N GLY B 407 9.56 8.26 4.38
N GLY B 407 9.92 8.29 5.26
CA GLY B 407 10.31 7.04 4.21
CA GLY B 407 10.40 7.11 4.58
C GLY B 407 9.70 5.83 4.92
C GLY B 407 9.73 5.83 5.04
N ARG B 408 10.39 4.71 4.76
CA ARG B 408 9.85 3.41 5.14
C ARG B 408 11.01 2.50 5.50
N LEU B 409 10.73 1.54 6.36
CA LEU B 409 11.73 0.62 6.88
C LEU B 409 11.58 -0.72 6.17
N ARG B 410 12.56 -1.08 5.35
CA ARG B 410 12.55 -2.39 4.72
C ARG B 410 13.12 -3.43 5.68
N TYR B 411 12.40 -4.52 5.88
CA TYR B 411 12.85 -5.61 6.74
C TYR B 411 13.44 -6.71 5.88
N TYR B 412 14.61 -7.20 6.26
CA TYR B 412 15.30 -8.26 5.56
C TYR B 412 15.68 -9.38 6.52
N VAL B 413 15.75 -10.59 5.99
CA VAL B 413 16.29 -11.71 6.73
C VAL B 413 17.39 -12.31 5.87
N PHE B 414 18.58 -12.43 6.44
CA PHE B 414 19.68 -13.10 5.77
C PHE B 414 19.53 -14.62 5.91
N ASN B 415 19.55 -15.30 4.77
CA ASN B 415 19.58 -16.75 4.66
C ASN B 415 18.33 -17.41 5.21
N TRP B 416 17.17 -16.77 4.98
CA TRP B 416 15.92 -17.43 5.26
C TRP B 416 14.88 -16.92 4.28
N LYS B 417 13.87 -17.75 4.04
CA LYS B 417 12.77 -17.42 3.14
C LYS B 417 11.56 -17.05 3.96
N ILE B 418 11.03 -15.85 3.71
CA ILE B 418 9.78 -15.38 4.31
C ILE B 418 8.97 -14.80 3.18
N PRO B 419 7.73 -15.21 2.97
CA PRO B 419 6.95 -14.56 1.91
C PRO B 419 6.73 -13.10 2.26
N GLN B 420 6.47 -12.29 1.25
CA GLN B 420 6.16 -10.90 1.55
C GLN B 420 4.88 -10.87 2.38
N ILE B 421 4.97 -10.25 3.55
CA ILE B 421 3.88 -10.20 4.51
C ILE B 421 3.65 -8.77 4.98
N SER B 422 2.48 -8.56 5.55
CA SER B 422 2.15 -7.27 6.11
C SER B 422 3.02 -6.97 7.33
N PRO B 423 3.37 -5.70 7.55
CA PRO B 423 4.07 -5.38 8.80
C PRO B 423 3.28 -5.79 10.04
N SER B 424 1.95 -5.88 9.95
CA SER B 424 1.19 -6.36 11.09
C SER B 424 1.59 -7.76 11.49
N ASN B 425 2.19 -8.53 10.58
N ASN B 425 2.19 -8.53 10.58
CA ASN B 425 2.64 -9.88 10.86
CA ASN B 425 2.65 -9.87 10.86
C ASN B 425 4.04 -9.93 11.48
C ASN B 425 4.04 -9.93 11.48
N VAL B 426 4.63 -8.80 11.84
CA VAL B 426 6.03 -8.73 12.25
C VAL B 426 6.12 -8.13 13.64
N GLY B 427 6.82 -8.82 14.53
CA GLY B 427 7.07 -8.41 15.89
C GLY B 427 8.53 -8.30 16.22
N ILE B 428 9.23 -7.56 15.37
CA ILE B 428 10.66 -7.33 15.47
C ILE B 428 10.84 -5.83 15.44
N ILE B 429 11.47 -5.28 16.48
CA ILE B 429 11.79 -3.87 16.58
C ILE B 429 13.29 -3.74 16.70
N LEU B 430 13.90 -2.97 15.81
CA LEU B 430 15.34 -2.72 15.87
C LEU B 430 15.59 -1.30 16.34
N PHE B 431 16.74 -1.09 16.97
CA PHE B 431 17.03 0.20 17.59
C PHE B 431 17.67 1.19 16.63
#